data_111D
# 
_entry.id   111D 
# 
_audit_conform.dict_name       mmcif_pdbx.dic 
_audit_conform.dict_version    5.385 
_audit_conform.dict_location   http://mmcif.pdb.org/dictionaries/ascii/mmcif_pdbx.dic 
# 
loop_
_database_2.database_id 
_database_2.database_code 
_database_2.pdbx_database_accession 
_database_2.pdbx_DOI 
PDB   111D         pdb_0000111d 10.2210/pdb111d/pdb 
RCSB  BDL014       ?            ?                   
WWPDB D_1000170030 ?            ?                   
# 
loop_
_pdbx_audit_revision_history.ordinal 
_pdbx_audit_revision_history.data_content_type 
_pdbx_audit_revision_history.major_revision 
_pdbx_audit_revision_history.minor_revision 
_pdbx_audit_revision_history.revision_date 
1 'Structure model' 1 0 1993-07-15 
2 'Structure model' 1 1 2008-05-22 
3 'Structure model' 1 2 2011-07-13 
4 'Structure model' 1 3 2024-02-07 
# 
_pdbx_audit_revision_details.ordinal             1 
_pdbx_audit_revision_details.revision_ordinal    1 
_pdbx_audit_revision_details.data_content_type   'Structure model' 
_pdbx_audit_revision_details.provider            repository 
_pdbx_audit_revision_details.type                'Initial release' 
_pdbx_audit_revision_details.description         ? 
_pdbx_audit_revision_details.details             ? 
# 
loop_
_pdbx_audit_revision_group.ordinal 
_pdbx_audit_revision_group.revision_ordinal 
_pdbx_audit_revision_group.data_content_type 
_pdbx_audit_revision_group.group 
1 2 'Structure model' 'Version format compliance' 
2 3 'Structure model' 'Version format compliance' 
3 4 'Structure model' 'Data collection'           
4 4 'Structure model' 'Database references'       
# 
loop_
_pdbx_audit_revision_category.ordinal 
_pdbx_audit_revision_category.revision_ordinal 
_pdbx_audit_revision_category.data_content_type 
_pdbx_audit_revision_category.category 
1 4 'Structure model' chem_comp_atom 
2 4 'Structure model' chem_comp_bond 
3 4 'Structure model' database_2     
# 
loop_
_pdbx_audit_revision_item.ordinal 
_pdbx_audit_revision_item.revision_ordinal 
_pdbx_audit_revision_item.data_content_type 
_pdbx_audit_revision_item.item 
1 4 'Structure model' '_database_2.pdbx_DOI'                
2 4 'Structure model' '_database_2.pdbx_database_accession' 
# 
_pdbx_database_status.status_code                     REL 
_pdbx_database_status.entry_id                        111D 
_pdbx_database_status.recvd_initial_deposition_date   1993-01-04 
_pdbx_database_status.deposit_site                    BNL 
_pdbx_database_status.process_site                    NDB 
_pdbx_database_status.SG_entry                        . 
_pdbx_database_status.pdb_format_compatible           Y 
_pdbx_database_status.status_code_mr                  ? 
_pdbx_database_status.status_code_sf                  ? 
_pdbx_database_status.status_code_cs                  ? 
_pdbx_database_status.status_code_nmr_data            ? 
_pdbx_database_status.methods_development_category    ? 
# 
loop_
_audit_author.name 
_audit_author.pdbx_ordinal 
'Brown, T.'     1 
'Leonard, G.A.' 2 
'Booth, E.D.'   3 
'Chambers, J.'  4 
# 
_citation.id                        primary 
_citation.title                     'Crystal structure and stability of a DNA duplex containing A(anti).G(syn) base-pairs.' 
_citation.journal_abbrev            J.Mol.Biol. 
_citation.journal_volume            207 
_citation.page_first                455 
_citation.page_last                 457 
_citation.year                      1989 
_citation.journal_id_ASTM           JMOBAK 
_citation.country                   UK 
_citation.journal_id_ISSN           0022-2836 
_citation.journal_id_CSD            0070 
_citation.book_publisher            ? 
_citation.pdbx_database_id_PubMed   2754734 
_citation.pdbx_database_id_DOI      '10.1016/0022-2836(89)90268-4' 
# 
loop_
_citation_author.citation_id 
_citation_author.name 
_citation_author.ordinal 
_citation_author.identifier_ORCID 
primary 'Brown, T.'     1 ? 
primary 'Leonard, G.A.' 2 ? 
primary 'Booth, E.D.'   3 ? 
primary 'Chambers, J.'  4 ? 
# 
loop_
_entity.id 
_entity.type 
_entity.src_method 
_entity.pdbx_description 
_entity.formula_weight 
_entity.pdbx_number_of_molecules 
_entity.pdbx_ec 
_entity.pdbx_mutation 
_entity.pdbx_fragment 
_entity.details 
1 polymer syn 
;DNA (5'-D(*CP*GP*CP*AP*AP*AP*TP*TP*GP*GP*CP*G)-3')
;
3687.417 2  ? ? ? ? 
2 water   nat water                                                18.015   62 ? ? ? ? 
# 
_entity_poly.entity_id                      1 
_entity_poly.type                           polydeoxyribonucleotide 
_entity_poly.nstd_linkage                   no 
_entity_poly.nstd_monomer                   no 
_entity_poly.pdbx_seq_one_letter_code       '(DC)(DG)(DC)(DA)(DA)(DA)(DT)(DT)(DG)(DG)(DC)(DG)' 
_entity_poly.pdbx_seq_one_letter_code_can   CGCAAATTGGCG 
_entity_poly.pdbx_strand_id                 A,B 
_entity_poly.pdbx_target_identifier         ? 
# 
_pdbx_entity_nonpoly.entity_id   2 
_pdbx_entity_nonpoly.name        water 
_pdbx_entity_nonpoly.comp_id     HOH 
# 
loop_
_entity_poly_seq.entity_id 
_entity_poly_seq.num 
_entity_poly_seq.mon_id 
_entity_poly_seq.hetero 
1 1  DC n 
1 2  DG n 
1 3  DC n 
1 4  DA n 
1 5  DA n 
1 6  DA n 
1 7  DT n 
1 8  DT n 
1 9  DG n 
1 10 DG n 
1 11 DC n 
1 12 DG n 
# 
loop_
_chem_comp.id 
_chem_comp.type 
_chem_comp.mon_nstd_flag 
_chem_comp.name 
_chem_comp.pdbx_synonyms 
_chem_comp.formula 
_chem_comp.formula_weight 
DA  'DNA linking' y "2'-DEOXYADENOSINE-5'-MONOPHOSPHATE" ? 'C10 H14 N5 O6 P' 331.222 
DC  'DNA linking' y "2'-DEOXYCYTIDINE-5'-MONOPHOSPHATE"  ? 'C9 H14 N3 O7 P'  307.197 
DG  'DNA linking' y "2'-DEOXYGUANOSINE-5'-MONOPHOSPHATE" ? 'C10 H14 N5 O7 P' 347.221 
DT  'DNA linking' y "THYMIDINE-5'-MONOPHOSPHATE"         ? 'C10 H15 N2 O8 P' 322.208 
HOH non-polymer   . WATER                                ? 'H2 O'            18.015  
# 
loop_
_pdbx_poly_seq_scheme.asym_id 
_pdbx_poly_seq_scheme.entity_id 
_pdbx_poly_seq_scheme.seq_id 
_pdbx_poly_seq_scheme.mon_id 
_pdbx_poly_seq_scheme.ndb_seq_num 
_pdbx_poly_seq_scheme.pdb_seq_num 
_pdbx_poly_seq_scheme.auth_seq_num 
_pdbx_poly_seq_scheme.pdb_mon_id 
_pdbx_poly_seq_scheme.auth_mon_id 
_pdbx_poly_seq_scheme.pdb_strand_id 
_pdbx_poly_seq_scheme.pdb_ins_code 
_pdbx_poly_seq_scheme.hetero 
A 1 1  DC 1  1  1  DC C A . n 
A 1 2  DG 2  2  2  DG G A . n 
A 1 3  DC 3  3  3  DC C A . n 
A 1 4  DA 4  4  4  DA A A . n 
A 1 5  DA 5  5  5  DA A A . n 
A 1 6  DA 6  6  6  DA A A . n 
A 1 7  DT 7  7  7  DT T A . n 
A 1 8  DT 8  8  8  DT T A . n 
A 1 9  DG 9  9  9  DG G A . n 
A 1 10 DG 10 10 10 DG G A . n 
A 1 11 DC 11 11 11 DC C A . n 
A 1 12 DG 12 12 12 DG G A . n 
B 1 1  DC 1  13 13 DC C B . n 
B 1 2  DG 2  14 14 DG G B . n 
B 1 3  DC 3  15 15 DC C B . n 
B 1 4  DA 4  16 16 DA A B . n 
B 1 5  DA 5  17 17 DA A B . n 
B 1 6  DA 6  18 18 DA A B . n 
B 1 7  DT 7  19 19 DT T B . n 
B 1 8  DT 8  20 20 DT T B . n 
B 1 9  DG 9  21 21 DG G B . n 
B 1 10 DG 10 22 22 DG G B . n 
B 1 11 DC 11 23 23 DC C B . n 
B 1 12 DG 12 24 24 DG G B . n 
# 
loop_
_pdbx_nonpoly_scheme.asym_id 
_pdbx_nonpoly_scheme.entity_id 
_pdbx_nonpoly_scheme.mon_id 
_pdbx_nonpoly_scheme.ndb_seq_num 
_pdbx_nonpoly_scheme.pdb_seq_num 
_pdbx_nonpoly_scheme.auth_seq_num 
_pdbx_nonpoly_scheme.pdb_mon_id 
_pdbx_nonpoly_scheme.auth_mon_id 
_pdbx_nonpoly_scheme.pdb_strand_id 
_pdbx_nonpoly_scheme.pdb_ins_code 
C 2 HOH 1  27 27 HOH HOH A . 
C 2 HOH 2  28 28 HOH HOH A . 
C 2 HOH 3  29 29 HOH HOH A . 
C 2 HOH 4  31 31 HOH HOH A . 
C 2 HOH 5  32 32 HOH HOH A . 
C 2 HOH 6  36 36 HOH HOH A . 
C 2 HOH 7  37 37 HOH HOH A . 
C 2 HOH 8  42 42 HOH HOH A . 
C 2 HOH 9  44 44 HOH HOH A . 
C 2 HOH 10 45 45 HOH HOH A . 
C 2 HOH 11 47 47 HOH HOH A . 
C 2 HOH 12 49 49 HOH HOH A . 
C 2 HOH 13 51 51 HOH HOH A . 
C 2 HOH 14 54 54 HOH HOH A . 
C 2 HOH 15 56 56 HOH HOH A . 
C 2 HOH 16 59 59 HOH HOH A . 
C 2 HOH 17 63 63 HOH HOH A . 
C 2 HOH 18 66 66 HOH HOH A . 
C 2 HOH 19 67 67 HOH HOH A . 
C 2 HOH 20 68 68 HOH HOH A . 
C 2 HOH 21 69 69 HOH HOH A . 
C 2 HOH 22 71 71 HOH HOH A . 
C 2 HOH 23 73 73 HOH HOH A . 
C 2 HOH 24 75 75 HOH HOH A . 
C 2 HOH 25 79 79 HOH HOH A . 
C 2 HOH 26 80 80 HOH HOH A . 
C 2 HOH 27 81 81 HOH HOH A . 
C 2 HOH 28 84 84 HOH HOH A . 
C 2 HOH 29 85 85 HOH HOH A . 
C 2 HOH 30 86 86 HOH HOH A . 
D 2 HOH 1  25 25 HOH HOH B . 
D 2 HOH 2  26 26 HOH HOH B . 
D 2 HOH 3  30 30 HOH HOH B . 
D 2 HOH 4  33 33 HOH HOH B . 
D 2 HOH 5  34 34 HOH HOH B . 
D 2 HOH 6  35 35 HOH HOH B . 
D 2 HOH 7  38 38 HOH HOH B . 
D 2 HOH 8  39 39 HOH HOH B . 
D 2 HOH 9  40 40 HOH HOH B . 
D 2 HOH 10 41 41 HOH HOH B . 
D 2 HOH 11 43 43 HOH HOH B . 
D 2 HOH 12 46 46 HOH HOH B . 
D 2 HOH 13 48 48 HOH HOH B . 
D 2 HOH 14 50 50 HOH HOH B . 
D 2 HOH 15 52 52 HOH HOH B . 
D 2 HOH 16 53 53 HOH HOH B . 
D 2 HOH 17 55 55 HOH HOH B . 
D 2 HOH 18 57 57 HOH HOH B . 
D 2 HOH 19 58 58 HOH HOH B . 
D 2 HOH 20 60 60 HOH HOH B . 
D 2 HOH 21 61 61 HOH HOH B . 
D 2 HOH 22 62 62 HOH HOH B . 
D 2 HOH 23 64 64 HOH HOH B . 
D 2 HOH 24 65 65 HOH HOH B . 
D 2 HOH 25 70 70 HOH HOH B . 
D 2 HOH 26 72 72 HOH HOH B . 
D 2 HOH 27 74 74 HOH HOH B . 
D 2 HOH 28 76 76 HOH HOH B . 
D 2 HOH 29 77 77 HOH HOH B . 
D 2 HOH 30 78 78 HOH HOH B . 
D 2 HOH 31 82 82 HOH HOH B . 
D 2 HOH 32 83 83 HOH HOH B . 
# 
_software.name             NUCLSQ 
_software.classification   refinement 
_software.version          . 
_software.citation_id      ? 
_software.pdbx_ordinal     1 
# 
_cell.entry_id           111D 
_cell.length_a           25.230 
_cell.length_b           41.160 
_cell.length_c           65.010 
_cell.angle_alpha        90.00 
_cell.angle_beta         90.00 
_cell.angle_gamma        90.00 
_cell.Z_PDB              8 
_cell.pdbx_unique_axis   ? 
# 
_symmetry.entry_id                         111D 
_symmetry.space_group_name_H-M             'P 21 21 21' 
_symmetry.pdbx_full_space_group_name_H-M   ? 
_symmetry.cell_setting                     ? 
_symmetry.Int_Tables_number                19 
# 
_exptl.entry_id          111D 
_exptl.method            'X-RAY DIFFRACTION' 
_exptl.crystals_number   ? 
# 
_exptl_crystal.id                    1 
_exptl_crystal.density_meas          ? 
_exptl_crystal.density_Matthews      2.29 
_exptl_crystal.density_percent_sol   46.25 
_exptl_crystal.description           ? 
# 
_exptl_crystal_grow.crystal_id      1 
_exptl_crystal_grow.method          'VAPOR DIFFUSION, SITTING DROP' 
_exptl_crystal_grow.temp            277.00 
_exptl_crystal_grow.temp_details    ? 
_exptl_crystal_grow.pH              6.60 
_exptl_crystal_grow.pdbx_details    'pH 6.60, VAPOR DIFFUSION, SITTING DROP, temperature 277.00K' 
_exptl_crystal_grow.pdbx_pH_range   ? 
# 
loop_
_exptl_crystal_grow_comp.crystal_id 
_exptl_crystal_grow_comp.id 
_exptl_crystal_grow_comp.sol_id 
_exptl_crystal_grow_comp.name 
_exptl_crystal_grow_comp.volume 
_exptl_crystal_grow_comp.conc 
_exptl_crystal_grow_comp.details 
1 1 1 WATER           ? ? ? 
1 2 1 MPD             ? ? ? 
1 3 1 'NA CACODYLATE' ? ? ? 
1 4 1 MGCL2           ? ? ? 
1 5 1 SPERMINE        ? ? ? 
# 
_diffrn.id                     1 
_diffrn.ambient_temp           277.00 
_diffrn.ambient_temp_details   ? 
_diffrn.crystal_id             1 
# 
_diffrn_detector.diffrn_id              1 
_diffrn_detector.detector               DIFFRACTOMETER 
_diffrn_detector.type                   'STOE-SIEMENS AED2' 
_diffrn_detector.pdbx_collection_date   ? 
_diffrn_detector.details                ? 
# 
_diffrn_radiation.diffrn_id                        1 
_diffrn_radiation.wavelength_id                    1 
_diffrn_radiation.pdbx_monochromatic_or_laue_m_l   ? 
_diffrn_radiation.monochromator                    ? 
_diffrn_radiation.pdbx_diffrn_protocol             ? 
_diffrn_radiation.pdbx_scattering_type             x-ray 
# 
_diffrn_radiation_wavelength.id           1 
_diffrn_radiation_wavelength.wavelength   . 
_diffrn_radiation_wavelength.wt           1.0 
# 
_diffrn_source.diffrn_id                   1 
_diffrn_source.source                      ? 
_diffrn_source.type                        ? 
_diffrn_source.pdbx_synchrotron_site       ? 
_diffrn_source.pdbx_synchrotron_beamline   ? 
_diffrn_source.pdbx_wavelength             ? 
_diffrn_source.pdbx_wavelength_list        ? 
# 
_reflns.entry_id                     111D 
_reflns.observed_criterion_sigma_I   ? 
_reflns.observed_criterion_sigma_F   1.000 
_reflns.d_resolution_low             ? 
_reflns.d_resolution_high            2.250 
_reflns.number_obs                   2840 
_reflns.number_all                   ? 
_reflns.percent_possible_obs         ? 
_reflns.pdbx_Rmerge_I_obs            ? 
_reflns.pdbx_Rsym_value              ? 
_reflns.pdbx_netI_over_sigmaI        ? 
_reflns.B_iso_Wilson_estimate        ? 
_reflns.pdbx_redundancy              ? 
_reflns.pdbx_diffrn_id               1 
_reflns.pdbx_ordinal                 1 
# 
_refine.entry_id                                 111D 
_refine.ls_number_reflns_obs                     2262 
_refine.ls_number_reflns_all                     ? 
_refine.pdbx_ls_sigma_I                          ? 
_refine.pdbx_ls_sigma_F                          2.000 
_refine.pdbx_data_cutoff_high_absF               ? 
_refine.pdbx_data_cutoff_low_absF                ? 
_refine.pdbx_data_cutoff_high_rms_absF           ? 
_refine.ls_d_res_low                             8.000 
_refine.ls_d_res_high                            2.250 
_refine.ls_percent_reflns_obs                    ? 
_refine.ls_R_factor_obs                          0.1600000 
_refine.ls_R_factor_all                          ? 
_refine.ls_R_factor_R_work                       ? 
_refine.ls_R_factor_R_free                       ? 
_refine.ls_R_factor_R_free_error                 ? 
_refine.ls_R_factor_R_free_error_details         ? 
_refine.ls_percent_reflns_R_free                 ? 
_refine.ls_number_reflns_R_free                  ? 
_refine.ls_number_parameters                     ? 
_refine.ls_number_restraints                     ? 
_refine.occupancy_min                            ? 
_refine.occupancy_max                            ? 
_refine.B_iso_mean                               ? 
_refine.aniso_B[1][1]                            ? 
_refine.aniso_B[2][2]                            ? 
_refine.aniso_B[3][3]                            ? 
_refine.aniso_B[1][2]                            ? 
_refine.aniso_B[1][3]                            ? 
_refine.aniso_B[2][3]                            ? 
_refine.solvent_model_details                    ? 
_refine.solvent_model_param_ksol                 ? 
_refine.solvent_model_param_bsol                 ? 
_refine.pdbx_ls_cross_valid_method               ? 
_refine.details                                  ? 
_refine.pdbx_starting_model                      ? 
_refine.pdbx_method_to_determine_struct          ? 
_refine.pdbx_isotropic_thermal_model             ? 
_refine.pdbx_stereochemistry_target_values       ? 
_refine.pdbx_stereochem_target_val_spec_case     ? 
_refine.pdbx_R_Free_selection_details            ? 
_refine.pdbx_overall_ESU_R                       ? 
_refine.pdbx_overall_ESU_R_Free                  ? 
_refine.overall_SU_ML                            ? 
_refine.overall_SU_B                             ? 
_refine.pdbx_refine_id                           'X-RAY DIFFRACTION' 
_refine.pdbx_diffrn_id                           1 
_refine.pdbx_TLS_residual_ADP_flag               ? 
_refine.correlation_coeff_Fo_to_Fc               ? 
_refine.correlation_coeff_Fo_to_Fc_free          ? 
_refine.pdbx_solvent_vdw_probe_radii             ? 
_refine.pdbx_solvent_ion_probe_radii             ? 
_refine.pdbx_solvent_shrinkage_radii             ? 
_refine.pdbx_overall_phase_error                 ? 
_refine.overall_SU_R_Cruickshank_DPI             ? 
_refine.pdbx_overall_SU_R_free_Cruickshank_DPI   ? 
_refine.pdbx_overall_SU_R_Blow_DPI               ? 
_refine.pdbx_overall_SU_R_free_Blow_DPI          ? 
# 
_refine_hist.pdbx_refine_id                   'X-RAY DIFFRACTION' 
_refine_hist.cycle_id                         LAST 
_refine_hist.pdbx_number_atoms_protein        0 
_refine_hist.pdbx_number_atoms_nucleic_acid   490 
_refine_hist.pdbx_number_atoms_ligand         0 
_refine_hist.number_atoms_solvent             62 
_refine_hist.number_atoms_total               552 
_refine_hist.d_res_high                       2.250 
_refine_hist.d_res_low                        8.000 
# 
_struct.entry_id                  111D 
_struct.title                     'CRYSTAL STRUCTURE AND STABILITY OF A DNA DUPLEX CONTAINING A(ANTI).G(SYN) BASE-PAIRS' 
_struct.pdbx_model_details        ? 
_struct.pdbx_CASP_flag            ? 
_struct.pdbx_model_type_details   ? 
# 
_struct_keywords.entry_id        111D 
_struct_keywords.pdbx_keywords   DNA 
_struct_keywords.text            'B-DNA, DOUBLE HELIX, MISMATCHED, DNA' 
# 
loop_
_struct_asym.id 
_struct_asym.pdbx_blank_PDB_chainid_flag 
_struct_asym.pdbx_modified 
_struct_asym.entity_id 
_struct_asym.details 
A N N 1 ? 
B N N 1 ? 
C N N 2 ? 
D N N 2 ? 
# 
_struct_ref.id                         1 
_struct_ref.entity_id                  1 
_struct_ref.db_name                    PDB 
_struct_ref.db_code                    111D 
_struct_ref.pdbx_db_accession          111D 
_struct_ref.pdbx_db_isoform            ? 
_struct_ref.pdbx_seq_one_letter_code   ? 
_struct_ref.pdbx_align_begin           ? 
# 
loop_
_struct_ref_seq.align_id 
_struct_ref_seq.ref_id 
_struct_ref_seq.pdbx_PDB_id_code 
_struct_ref_seq.pdbx_strand_id 
_struct_ref_seq.seq_align_beg 
_struct_ref_seq.pdbx_seq_align_beg_ins_code 
_struct_ref_seq.seq_align_end 
_struct_ref_seq.pdbx_seq_align_end_ins_code 
_struct_ref_seq.pdbx_db_accession 
_struct_ref_seq.db_align_beg 
_struct_ref_seq.pdbx_db_align_beg_ins_code 
_struct_ref_seq.db_align_end 
_struct_ref_seq.pdbx_db_align_end_ins_code 
_struct_ref_seq.pdbx_auth_seq_align_beg 
_struct_ref_seq.pdbx_auth_seq_align_end 
1 1 111D A 1 ? 12 ? 111D 1  ? 12 ? 1  12 
2 1 111D B 1 ? 12 ? 111D 13 ? 24 ? 13 24 
# 
_pdbx_struct_assembly.id                   1 
_pdbx_struct_assembly.details              author_defined_assembly 
_pdbx_struct_assembly.method_details       ? 
_pdbx_struct_assembly.oligomeric_details   dimeric 
_pdbx_struct_assembly.oligomeric_count     2 
# 
_pdbx_struct_assembly_gen.assembly_id       1 
_pdbx_struct_assembly_gen.oper_expression   1 
_pdbx_struct_assembly_gen.asym_id_list      A,B,C,D 
# 
_pdbx_struct_oper_list.id                   1 
_pdbx_struct_oper_list.type                 'identity operation' 
_pdbx_struct_oper_list.name                 1_555 
_pdbx_struct_oper_list.symmetry_operation   x,y,z 
_pdbx_struct_oper_list.matrix[1][1]         1.0000000000 
_pdbx_struct_oper_list.matrix[1][2]         0.0000000000 
_pdbx_struct_oper_list.matrix[1][3]         0.0000000000 
_pdbx_struct_oper_list.vector[1]            0.0000000000 
_pdbx_struct_oper_list.matrix[2][1]         0.0000000000 
_pdbx_struct_oper_list.matrix[2][2]         1.0000000000 
_pdbx_struct_oper_list.matrix[2][3]         0.0000000000 
_pdbx_struct_oper_list.vector[2]            0.0000000000 
_pdbx_struct_oper_list.matrix[3][1]         0.0000000000 
_pdbx_struct_oper_list.matrix[3][2]         0.0000000000 
_pdbx_struct_oper_list.matrix[3][3]         1.0000000000 
_pdbx_struct_oper_list.vector[3]            0.0000000000 
# 
_struct_biol.id   1 
# 
loop_
_struct_conn.id 
_struct_conn.conn_type_id 
_struct_conn.pdbx_leaving_atom_flag 
_struct_conn.pdbx_PDB_id 
_struct_conn.ptnr1_label_asym_id 
_struct_conn.ptnr1_label_comp_id 
_struct_conn.ptnr1_label_seq_id 
_struct_conn.ptnr1_label_atom_id 
_struct_conn.pdbx_ptnr1_label_alt_id 
_struct_conn.pdbx_ptnr1_PDB_ins_code 
_struct_conn.pdbx_ptnr1_standard_comp_id 
_struct_conn.ptnr1_symmetry 
_struct_conn.ptnr2_label_asym_id 
_struct_conn.ptnr2_label_comp_id 
_struct_conn.ptnr2_label_seq_id 
_struct_conn.ptnr2_label_atom_id 
_struct_conn.pdbx_ptnr2_label_alt_id 
_struct_conn.pdbx_ptnr2_PDB_ins_code 
_struct_conn.ptnr1_auth_asym_id 
_struct_conn.ptnr1_auth_comp_id 
_struct_conn.ptnr1_auth_seq_id 
_struct_conn.ptnr2_auth_asym_id 
_struct_conn.ptnr2_auth_comp_id 
_struct_conn.ptnr2_auth_seq_id 
_struct_conn.ptnr2_symmetry 
_struct_conn.pdbx_ptnr3_label_atom_id 
_struct_conn.pdbx_ptnr3_label_seq_id 
_struct_conn.pdbx_ptnr3_label_comp_id 
_struct_conn.pdbx_ptnr3_label_asym_id 
_struct_conn.pdbx_ptnr3_label_alt_id 
_struct_conn.pdbx_ptnr3_PDB_ins_code 
_struct_conn.details 
_struct_conn.pdbx_dist_value 
_struct_conn.pdbx_value_order 
_struct_conn.pdbx_role 
hydrog1  hydrog ? ? A DC 1  N3 ? ? ? 1_555 B DG 12 N1 ? ? A DC 1  B DG 24 1_555 ? ? ? ? ? ? WATSON-CRICK    ? ? ? 
hydrog2  hydrog ? ? A DC 1  N4 ? ? ? 1_555 B DG 12 O6 ? ? A DC 1  B DG 24 1_555 ? ? ? ? ? ? WATSON-CRICK    ? ? ? 
hydrog3  hydrog ? ? A DC 1  O2 ? ? ? 1_555 B DG 12 N2 ? ? A DC 1  B DG 24 1_555 ? ? ? ? ? ? WATSON-CRICK    ? ? ? 
hydrog4  hydrog ? ? A DG 2  N1 ? ? ? 1_555 B DC 11 N3 ? ? A DG 2  B DC 23 1_555 ? ? ? ? ? ? WATSON-CRICK    ? ? ? 
hydrog5  hydrog ? ? A DG 2  N2 ? ? ? 1_555 B DC 11 O2 ? ? A DG 2  B DC 23 1_555 ? ? ? ? ? ? WATSON-CRICK    ? ? ? 
hydrog6  hydrog ? ? A DG 2  O6 ? ? ? 1_555 B DC 11 N4 ? ? A DG 2  B DC 23 1_555 ? ? ? ? ? ? WATSON-CRICK    ? ? ? 
hydrog7  hydrog ? ? A DC 3  N3 ? ? ? 1_555 B DG 10 N1 ? ? A DC 3  B DG 22 1_555 ? ? ? ? ? ? WATSON-CRICK    ? ? ? 
hydrog8  hydrog ? ? A DC 3  N4 ? ? ? 1_555 B DG 10 O6 ? ? A DC 3  B DG 22 1_555 ? ? ? ? ? ? WATSON-CRICK    ? ? ? 
hydrog9  hydrog ? ? A DC 3  O2 ? ? ? 1_555 B DG 10 N2 ? ? A DC 3  B DG 22 1_555 ? ? ? ? ? ? WATSON-CRICK    ? ? ? 
hydrog10 hydrog ? ? A DA 4  N6 ? ? ? 1_555 B DG 9  O6 ? ? A DA 4  B DG 21 1_555 ? ? ? ? ? ? 'DA-DG MISPAIR' ? ? ? 
hydrog11 hydrog ? ? A DA 5  N1 ? ? ? 1_555 B DT 8  N3 ? ? A DA 5  B DT 20 1_555 ? ? ? ? ? ? WATSON-CRICK    ? ? ? 
hydrog12 hydrog ? ? A DA 5  N6 ? ? ? 1_555 B DT 8  O4 ? ? A DA 5  B DT 20 1_555 ? ? ? ? ? ? WATSON-CRICK    ? ? ? 
hydrog13 hydrog ? ? A DA 6  N1 ? ? ? 1_555 B DT 7  N3 ? ? A DA 6  B DT 19 1_555 ? ? ? ? ? ? WATSON-CRICK    ? ? ? 
hydrog14 hydrog ? ? A DA 6  N6 ? ? ? 1_555 B DT 7  O4 ? ? A DA 6  B DT 19 1_555 ? ? ? ? ? ? WATSON-CRICK    ? ? ? 
hydrog15 hydrog ? ? A DT 7  N3 ? ? ? 1_555 B DA 6  N1 ? ? A DT 7  B DA 18 1_555 ? ? ? ? ? ? WATSON-CRICK    ? ? ? 
hydrog16 hydrog ? ? A DT 7  O4 ? ? ? 1_555 B DA 6  N6 ? ? A DT 7  B DA 18 1_555 ? ? ? ? ? ? WATSON-CRICK    ? ? ? 
hydrog17 hydrog ? ? A DT 8  N3 ? ? ? 1_555 B DA 5  N1 ? ? A DT 8  B DA 17 1_555 ? ? ? ? ? ? WATSON-CRICK    ? ? ? 
hydrog18 hydrog ? ? A DT 8  O4 ? ? ? 1_555 B DA 5  N6 ? ? A DT 8  B DA 17 1_555 ? ? ? ? ? ? WATSON-CRICK    ? ? ? 
hydrog19 hydrog ? ? A DG 9  O6 ? ? ? 1_555 B DA 4  N6 ? ? A DG 9  B DA 16 1_555 ? ? ? ? ? ? 'DG-DA MISPAIR' ? ? ? 
hydrog20 hydrog ? ? A DG 10 N1 ? ? ? 1_555 B DC 3  N3 ? ? A DG 10 B DC 15 1_555 ? ? ? ? ? ? WATSON-CRICK    ? ? ? 
hydrog21 hydrog ? ? A DG 10 N2 ? ? ? 1_555 B DC 3  O2 ? ? A DG 10 B DC 15 1_555 ? ? ? ? ? ? WATSON-CRICK    ? ? ? 
hydrog22 hydrog ? ? A DG 10 O6 ? ? ? 1_555 B DC 3  N4 ? ? A DG 10 B DC 15 1_555 ? ? ? ? ? ? WATSON-CRICK    ? ? ? 
hydrog23 hydrog ? ? A DC 11 N3 ? ? ? 1_555 B DG 2  N1 ? ? A DC 11 B DG 14 1_555 ? ? ? ? ? ? WATSON-CRICK    ? ? ? 
hydrog24 hydrog ? ? A DC 11 N4 ? ? ? 1_555 B DG 2  O6 ? ? A DC 11 B DG 14 1_555 ? ? ? ? ? ? WATSON-CRICK    ? ? ? 
hydrog25 hydrog ? ? A DC 11 O2 ? ? ? 1_555 B DG 2  N2 ? ? A DC 11 B DG 14 1_555 ? ? ? ? ? ? WATSON-CRICK    ? ? ? 
hydrog26 hydrog ? ? A DG 12 N1 ? ? ? 1_555 B DC 1  N3 ? ? A DG 12 B DC 13 1_555 ? ? ? ? ? ? WATSON-CRICK    ? ? ? 
hydrog27 hydrog ? ? A DG 12 N2 ? ? ? 1_555 B DC 1  O2 ? ? A DG 12 B DC 13 1_555 ? ? ? ? ? ? WATSON-CRICK    ? ? ? 
hydrog28 hydrog ? ? A DG 12 O6 ? ? ? 1_555 B DC 1  N4 ? ? A DG 12 B DC 13 1_555 ? ? ? ? ? ? WATSON-CRICK    ? ? ? 
# 
_struct_conn_type.id          hydrog 
_struct_conn_type.criteria    ? 
_struct_conn_type.reference   ? 
# 
loop_
_pdbx_validate_rmsd_bond.id 
_pdbx_validate_rmsd_bond.PDB_model_num 
_pdbx_validate_rmsd_bond.auth_atom_id_1 
_pdbx_validate_rmsd_bond.auth_asym_id_1 
_pdbx_validate_rmsd_bond.auth_comp_id_1 
_pdbx_validate_rmsd_bond.auth_seq_id_1 
_pdbx_validate_rmsd_bond.PDB_ins_code_1 
_pdbx_validate_rmsd_bond.label_alt_id_1 
_pdbx_validate_rmsd_bond.auth_atom_id_2 
_pdbx_validate_rmsd_bond.auth_asym_id_2 
_pdbx_validate_rmsd_bond.auth_comp_id_2 
_pdbx_validate_rmsd_bond.auth_seq_id_2 
_pdbx_validate_rmsd_bond.PDB_ins_code_2 
_pdbx_validate_rmsd_bond.label_alt_id_2 
_pdbx_validate_rmsd_bond.bond_value 
_pdbx_validate_rmsd_bond.bond_target_value 
_pdbx_validate_rmsd_bond.bond_deviation 
_pdbx_validate_rmsd_bond.bond_standard_deviation 
_pdbx_validate_rmsd_bond.linker_flag 
1 1 "O3'" A DG 2  ? ? "C3'" A DG 2  ? ? 1.365 1.419 -0.054 0.006 N 
2 1 "O4'" A DT 7  ? ? "C1'" A DT 7  ? ? 1.486 1.420 0.066  0.011 N 
3 1 "O4'" B DT 19 ? ? "C1'" B DT 19 ? ? 1.487 1.420 0.067  0.011 N 
# 
loop_
_pdbx_validate_rmsd_angle.id 
_pdbx_validate_rmsd_angle.PDB_model_num 
_pdbx_validate_rmsd_angle.auth_atom_id_1 
_pdbx_validate_rmsd_angle.auth_asym_id_1 
_pdbx_validate_rmsd_angle.auth_comp_id_1 
_pdbx_validate_rmsd_angle.auth_seq_id_1 
_pdbx_validate_rmsd_angle.PDB_ins_code_1 
_pdbx_validate_rmsd_angle.label_alt_id_1 
_pdbx_validate_rmsd_angle.auth_atom_id_2 
_pdbx_validate_rmsd_angle.auth_asym_id_2 
_pdbx_validate_rmsd_angle.auth_comp_id_2 
_pdbx_validate_rmsd_angle.auth_seq_id_2 
_pdbx_validate_rmsd_angle.PDB_ins_code_2 
_pdbx_validate_rmsd_angle.label_alt_id_2 
_pdbx_validate_rmsd_angle.auth_atom_id_3 
_pdbx_validate_rmsd_angle.auth_asym_id_3 
_pdbx_validate_rmsd_angle.auth_comp_id_3 
_pdbx_validate_rmsd_angle.auth_seq_id_3 
_pdbx_validate_rmsd_angle.PDB_ins_code_3 
_pdbx_validate_rmsd_angle.label_alt_id_3 
_pdbx_validate_rmsd_angle.angle_value 
_pdbx_validate_rmsd_angle.angle_target_value 
_pdbx_validate_rmsd_angle.angle_deviation 
_pdbx_validate_rmsd_angle.angle_standard_deviation 
_pdbx_validate_rmsd_angle.linker_flag 
1  1 "C3'" A DC 1  ? ? "C2'" A DC 1  ? ? "C1'" A DC 1  ? ? 97.59  102.40 -4.81  0.80 N 
2  1 "O4'" A DC 1  ? ? "C1'" A DC 1  ? ? "C2'" A DC 1  ? ? 98.78  105.90 -7.12  0.80 N 
3  1 "O5'" A DG 2  ? ? "C5'" A DG 2  ? ? "C4'" A DG 2  ? ? 102.34 109.40 -7.06  0.80 N 
4  1 "O4'" A DG 2  ? ? "C1'" A DG 2  ? ? N9    A DG 2  ? ? 110.55 108.30 2.25   0.30 N 
5  1 "C3'" A DG 2  ? ? "O3'" A DG 2  ? ? P     A DC 3  ? ? 130.88 119.70 11.18  1.20 Y 
6  1 "O5'" A DC 3  ? ? "C5'" A DC 3  ? ? "C4'" A DC 3  ? ? 103.87 109.40 -5.53  0.80 N 
7  1 N3    A DC 3  ? ? C4    A DC 3  ? ? C5    A DC 3  ? ? 119.42 121.90 -2.48  0.40 N 
8  1 "O4'" A DA 4  ? ? "C1'" A DA 4  ? ? N9    A DA 4  ? ? 113.76 108.30 5.46   0.30 N 
9  1 "C5'" A DA 5  ? ? "C4'" A DA 5  ? ? "O4'" A DA 5  ? ? 119.31 109.80 9.51   1.10 N 
10 1 "C3'" A DA 5  ? ? "C2'" A DA 5  ? ? "C1'" A DA 5  ? ? 96.59  102.40 -5.81  0.80 N 
11 1 "O4'" A DA 5  ? ? "C1'" A DA 5  ? ? "C2'" A DA 5  ? ? 97.14  105.90 -8.76  0.80 N 
12 1 C6    A DA 5  ? ? N1    A DA 5  ? ? C2    A DA 5  ? ? 122.39 118.60 3.79   0.60 N 
13 1 N1    A DA 5  ? ? C2    A DA 5  ? ? N3    A DA 5  ? ? 125.22 129.30 -4.08  0.50 N 
14 1 "O5'" A DA 6  ? ? "C5'" A DA 6  ? ? "C4'" A DA 6  ? ? 102.23 109.40 -7.17  0.80 N 
15 1 "O4'" A DA 6  ? ? "C1'" A DA 6  ? ? "C2'" A DA 6  ? ? 100.60 105.90 -5.30  0.80 N 
16 1 "O4'" A DA 6  ? ? "C1'" A DA 6  ? ? N9    A DA 6  ? ? 103.53 108.00 -4.47  0.70 N 
17 1 N1    A DA 6  ? ? C2    A DA 6  ? ? N3    A DA 6  ? ? 124.21 129.30 -5.09  0.50 N 
18 1 "O5'" A DT 7  ? ? "C5'" A DT 7  ? ? "C4'" A DT 7  ? ? 103.45 109.40 -5.95  0.80 N 
19 1 "O4'" A DT 7  ? ? "C4'" A DT 7  ? ? "C3'" A DT 7  ? ? 100.18 104.50 -4.32  0.40 N 
20 1 "C1'" A DT 7  ? ? "O4'" A DT 7  ? ? "C4'" A DT 7  ? ? 101.76 110.10 -8.34  1.00 N 
21 1 "O4'" A DT 7  ? ? "C1'" A DT 7  ? ? "C2'" A DT 7  ? ? 100.47 105.90 -5.43  0.80 N 
22 1 C2    A DT 7  ? ? N3    A DT 7  ? ? C4    A DT 7  ? ? 122.36 127.20 -4.84  0.60 N 
23 1 N3    A DT 7  ? ? C4    A DT 7  ? ? C5    A DT 7  ? ? 118.99 115.20 3.79   0.60 N 
24 1 "C3'" A DT 7  ? ? "O3'" A DT 7  ? ? P     A DT 8  ? ? 127.14 119.70 7.44   1.20 Y 
25 1 "O5'" A DT 8  ? ? "C5'" A DT 8  ? ? "C4'" A DT 8  ? ? 103.97 109.40 -5.43  0.80 N 
26 1 P     A DT 8  ? ? "O5'" A DT 8  ? ? "C5'" A DT 8  ? ? 109.90 120.90 -11.00 1.60 N 
27 1 "O4'" A DT 8  ? ? "C1'" A DT 8  ? ? N1    A DT 8  ? ? 101.64 108.00 -6.36  0.70 N 
28 1 C2    A DT 8  ? ? N3    A DT 8  ? ? C4    A DT 8  ? ? 123.35 127.20 -3.85  0.60 N 
29 1 N3    A DT 8  ? ? C4    A DT 8  ? ? C5    A DT 8  ? ? 118.96 115.20 3.76   0.60 N 
30 1 "C3'" A DT 8  ? ? "O3'" A DT 8  ? ? P     A DG 9  ? ? 143.92 119.70 24.22  1.20 Y 
31 1 "O4'" A DG 9  ? ? "C1'" A DG 9  ? ? N9    A DG 9  ? ? 112.15 108.30 3.85   0.30 N 
32 1 C5    A DG 9  ? ? C6    A DG 9  ? ? N1    A DG 9  ? ? 114.72 111.50 3.22   0.50 N 
33 1 "C3'" A DG 10 ? ? "C2'" A DG 10 ? ? "C1'" A DG 10 ? ? 94.11  102.40 -8.29  0.80 N 
34 1 "O5'" A DG 12 ? ? "C5'" A DG 12 ? ? "C4'" A DG 12 ? ? 102.29 109.40 -7.11  0.80 N 
35 1 "O4'" A DG 12 ? ? "C1'" A DG 12 ? ? N9    A DG 12 ? ? 103.20 108.00 -4.80  0.70 N 
36 1 "O5'" B DC 13 ? ? "C5'" B DC 13 ? ? "C4'" B DC 13 ? ? 103.18 109.40 -6.22  0.80 N 
37 1 "O4'" B DC 13 ? ? "C1'" B DC 13 ? ? "C2'" B DC 13 ? ? 100.32 105.90 -5.58  0.80 N 
38 1 N3    B DC 13 ? ? C4    B DC 13 ? ? C5    B DC 13 ? ? 119.12 121.90 -2.78  0.40 N 
39 1 OP1   B DG 14 ? ? P     B DG 14 ? ? OP2   B DG 14 ? ? 107.79 119.60 -11.81 1.50 N 
40 1 "C5'" B DG 14 ? ? "C4'" B DG 14 ? ? "C3'" B DG 14 ? ? 124.48 115.70 8.78   1.20 N 
41 1 "O4'" B DG 14 ? ? "C1'" B DG 14 ? ? N9    B DG 14 ? ? 111.29 108.30 2.99   0.30 N 
42 1 OP1   B DC 15 ? ? P     B DC 15 ? ? OP2   B DC 15 ? ? 109.02 119.60 -10.58 1.50 N 
43 1 N3    B DC 15 ? ? C4    B DC 15 ? ? C5    B DC 15 ? ? 119.46 121.90 -2.44  0.40 N 
44 1 "O5'" B DA 16 ? ? "C5'" B DA 16 ? ? "C4'" B DA 16 ? ? 104.19 109.40 -5.21  0.80 N 
45 1 P     B DA 16 ? ? "O5'" B DA 16 ? ? "C5'" B DA 16 ? ? 110.17 120.90 -10.73 1.60 N 
46 1 N1    B DA 16 ? ? C6    B DA 16 ? ? N6    B DA 16 ? ? 122.20 118.60 3.60   0.60 N 
47 1 "C3'" B DA 17 ? ? "C2'" B DA 17 ? ? "C1'" B DA 17 ? ? 96.35  102.40 -6.05  0.80 N 
48 1 "O4'" B DA 17 ? ? "C1'" B DA 17 ? ? N9    B DA 17 ? ? 111.04 108.30 2.74   0.30 N 
49 1 C6    B DA 17 ? ? N1    B DA 17 ? ? C2    B DA 17 ? ? 122.93 118.60 4.33   0.60 N 
50 1 N1    B DA 17 ? ? C2    B DA 17 ? ? N3    B DA 17 ? ? 125.13 129.30 -4.17  0.50 N 
51 1 C5    B DA 17 ? ? C6    B DA 17 ? ? N1    B DA 17 ? ? 114.67 117.70 -3.03  0.50 N 
52 1 "O4'" B DA 18 ? ? "C1'" B DA 18 ? ? N9    B DA 18 ? ? 112.26 108.30 3.96   0.30 N 
53 1 N1    B DA 18 ? ? C2    B DA 18 ? ? N3    B DA 18 ? ? 126.13 129.30 -3.17  0.50 N 
54 1 "O4'" B DT 19 ? ? "C1'" B DT 19 ? ? "C2'" B DT 19 ? ? 99.88  105.90 -6.02  0.80 N 
55 1 C2    B DT 19 ? ? N3    B DT 19 ? ? C4    B DT 19 ? ? 122.11 127.20 -5.09  0.60 N 
56 1 N3    B DT 19 ? ? C4    B DT 19 ? ? C5    B DT 19 ? ? 119.46 115.20 4.26   0.60 N 
57 1 C2    B DT 20 ? ? N3    B DT 20 ? ? C4    B DT 20 ? ? 122.00 127.20 -5.20  0.60 N 
58 1 N3    B DT 20 ? ? C4    B DT 20 ? ? C5    B DT 20 ? ? 119.27 115.20 4.07   0.60 N 
59 1 P     B DG 21 ? ? "O5'" B DG 21 ? ? "C5'" B DG 21 ? ? 109.70 120.90 -11.20 1.60 N 
60 1 "C5'" B DG 21 ? ? "C4'" B DG 21 ? ? "O4'" B DG 21 ? ? 116.59 109.80 6.79   1.10 N 
61 1 "O4'" B DG 21 ? ? "C1'" B DG 21 ? ? N9    B DG 21 ? ? 113.20 108.30 4.90   0.30 N 
62 1 C5    B DG 21 ? ? C6    B DG 21 ? ? N1    B DG 21 ? ? 114.67 111.50 3.17   0.50 N 
63 1 "C3'" B DG 22 ? ? "C2'" B DG 22 ? ? "C1'" B DG 22 ? ? 96.29  102.40 -6.11  0.80 N 
64 1 "O4'" B DG 22 ? ? "C1'" B DG 22 ? ? N9    B DG 22 ? ? 113.79 108.30 5.49   0.30 N 
65 1 C5    B DG 22 ? ? C6    B DG 22 ? ? N1    B DG 22 ? ? 114.80 111.50 3.30   0.50 N 
66 1 "O4'" B DC 23 ? ? "C1'" B DC 23 ? ? N1    B DC 23 ? ? 116.20 108.30 7.90   0.30 N 
67 1 C2    B DC 23 ? ? N3    B DC 23 ? ? C4    B DC 23 ? ? 123.07 119.90 3.17   0.50 N 
68 1 N3    B DC 23 ? ? C4    B DC 23 ? ? C5    B DC 23 ? ? 119.19 121.90 -2.71  0.40 N 
69 1 "O5'" B DG 24 ? ? "C5'" B DG 24 ? ? "C4'" B DG 24 ? ? 104.16 109.40 -5.24  0.80 N 
70 1 "O4'" B DG 24 ? ? "C1'" B DG 24 ? ? N9    B DG 24 ? ? 110.11 108.30 1.81   0.30 N 
71 1 C6    B DG 24 ? ? N1    B DG 24 ? ? C2    B DG 24 ? ? 120.60 125.10 -4.50  0.60 N 
72 1 C5    B DG 24 ? ? C6    B DG 24 ? ? N1    B DG 24 ? ? 114.64 111.50 3.14   0.50 N 
# 
loop_
_refine_B_iso.class 
_refine_B_iso.details 
_refine_B_iso.treatment 
_refine_B_iso.pdbx_refine_id 
'ALL ATOMS'  TR isotropic 'X-RAY DIFFRACTION' 
'ALL WATERS' TR isotropic 'X-RAY DIFFRACTION' 
# 
loop_
_refine_occupancy.class 
_refine_occupancy.treatment 
_refine_occupancy.pdbx_refine_id 
'ALL ATOMS'  fix 'X-RAY DIFFRACTION' 
'ALL WATERS' fix 'X-RAY DIFFRACTION' 
# 
loop_
_chem_comp_atom.comp_id 
_chem_comp_atom.atom_id 
_chem_comp_atom.type_symbol 
_chem_comp_atom.pdbx_aromatic_flag 
_chem_comp_atom.pdbx_stereo_config 
_chem_comp_atom.pdbx_ordinal 
DA  OP3    O N N 1   
DA  P      P N N 2   
DA  OP1    O N N 3   
DA  OP2    O N N 4   
DA  "O5'"  O N N 5   
DA  "C5'"  C N N 6   
DA  "C4'"  C N R 7   
DA  "O4'"  O N N 8   
DA  "C3'"  C N S 9   
DA  "O3'"  O N N 10  
DA  "C2'"  C N N 11  
DA  "C1'"  C N R 12  
DA  N9     N Y N 13  
DA  C8     C Y N 14  
DA  N7     N Y N 15  
DA  C5     C Y N 16  
DA  C6     C Y N 17  
DA  N6     N N N 18  
DA  N1     N Y N 19  
DA  C2     C Y N 20  
DA  N3     N Y N 21  
DA  C4     C Y N 22  
DA  HOP3   H N N 23  
DA  HOP2   H N N 24  
DA  "H5'"  H N N 25  
DA  "H5''" H N N 26  
DA  "H4'"  H N N 27  
DA  "H3'"  H N N 28  
DA  "HO3'" H N N 29  
DA  "H2'"  H N N 30  
DA  "H2''" H N N 31  
DA  "H1'"  H N N 32  
DA  H8     H N N 33  
DA  H61    H N N 34  
DA  H62    H N N 35  
DA  H2     H N N 36  
DC  OP3    O N N 37  
DC  P      P N N 38  
DC  OP1    O N N 39  
DC  OP2    O N N 40  
DC  "O5'"  O N N 41  
DC  "C5'"  C N N 42  
DC  "C4'"  C N R 43  
DC  "O4'"  O N N 44  
DC  "C3'"  C N S 45  
DC  "O3'"  O N N 46  
DC  "C2'"  C N N 47  
DC  "C1'"  C N R 48  
DC  N1     N N N 49  
DC  C2     C N N 50  
DC  O2     O N N 51  
DC  N3     N N N 52  
DC  C4     C N N 53  
DC  N4     N N N 54  
DC  C5     C N N 55  
DC  C6     C N N 56  
DC  HOP3   H N N 57  
DC  HOP2   H N N 58  
DC  "H5'"  H N N 59  
DC  "H5''" H N N 60  
DC  "H4'"  H N N 61  
DC  "H3'"  H N N 62  
DC  "HO3'" H N N 63  
DC  "H2'"  H N N 64  
DC  "H2''" H N N 65  
DC  "H1'"  H N N 66  
DC  H41    H N N 67  
DC  H42    H N N 68  
DC  H5     H N N 69  
DC  H6     H N N 70  
DG  OP3    O N N 71  
DG  P      P N N 72  
DG  OP1    O N N 73  
DG  OP2    O N N 74  
DG  "O5'"  O N N 75  
DG  "C5'"  C N N 76  
DG  "C4'"  C N R 77  
DG  "O4'"  O N N 78  
DG  "C3'"  C N S 79  
DG  "O3'"  O N N 80  
DG  "C2'"  C N N 81  
DG  "C1'"  C N R 82  
DG  N9     N Y N 83  
DG  C8     C Y N 84  
DG  N7     N Y N 85  
DG  C5     C Y N 86  
DG  C6     C N N 87  
DG  O6     O N N 88  
DG  N1     N N N 89  
DG  C2     C N N 90  
DG  N2     N N N 91  
DG  N3     N N N 92  
DG  C4     C Y N 93  
DG  HOP3   H N N 94  
DG  HOP2   H N N 95  
DG  "H5'"  H N N 96  
DG  "H5''" H N N 97  
DG  "H4'"  H N N 98  
DG  "H3'"  H N N 99  
DG  "HO3'" H N N 100 
DG  "H2'"  H N N 101 
DG  "H2''" H N N 102 
DG  "H1'"  H N N 103 
DG  H8     H N N 104 
DG  H1     H N N 105 
DG  H21    H N N 106 
DG  H22    H N N 107 
DT  OP3    O N N 108 
DT  P      P N N 109 
DT  OP1    O N N 110 
DT  OP2    O N N 111 
DT  "O5'"  O N N 112 
DT  "C5'"  C N N 113 
DT  "C4'"  C N R 114 
DT  "O4'"  O N N 115 
DT  "C3'"  C N S 116 
DT  "O3'"  O N N 117 
DT  "C2'"  C N N 118 
DT  "C1'"  C N R 119 
DT  N1     N N N 120 
DT  C2     C N N 121 
DT  O2     O N N 122 
DT  N3     N N N 123 
DT  C4     C N N 124 
DT  O4     O N N 125 
DT  C5     C N N 126 
DT  C7     C N N 127 
DT  C6     C N N 128 
DT  HOP3   H N N 129 
DT  HOP2   H N N 130 
DT  "H5'"  H N N 131 
DT  "H5''" H N N 132 
DT  "H4'"  H N N 133 
DT  "H3'"  H N N 134 
DT  "HO3'" H N N 135 
DT  "H2'"  H N N 136 
DT  "H2''" H N N 137 
DT  "H1'"  H N N 138 
DT  H3     H N N 139 
DT  H71    H N N 140 
DT  H72    H N N 141 
DT  H73    H N N 142 
DT  H6     H N N 143 
HOH O      O N N 144 
HOH H1     H N N 145 
HOH H2     H N N 146 
# 
loop_
_chem_comp_bond.comp_id 
_chem_comp_bond.atom_id_1 
_chem_comp_bond.atom_id_2 
_chem_comp_bond.value_order 
_chem_comp_bond.pdbx_aromatic_flag 
_chem_comp_bond.pdbx_stereo_config 
_chem_comp_bond.pdbx_ordinal 
DA  OP3   P      sing N N 1   
DA  OP3   HOP3   sing N N 2   
DA  P     OP1    doub N N 3   
DA  P     OP2    sing N N 4   
DA  P     "O5'"  sing N N 5   
DA  OP2   HOP2   sing N N 6   
DA  "O5'" "C5'"  sing N N 7   
DA  "C5'" "C4'"  sing N N 8   
DA  "C5'" "H5'"  sing N N 9   
DA  "C5'" "H5''" sing N N 10  
DA  "C4'" "O4'"  sing N N 11  
DA  "C4'" "C3'"  sing N N 12  
DA  "C4'" "H4'"  sing N N 13  
DA  "O4'" "C1'"  sing N N 14  
DA  "C3'" "O3'"  sing N N 15  
DA  "C3'" "C2'"  sing N N 16  
DA  "C3'" "H3'"  sing N N 17  
DA  "O3'" "HO3'" sing N N 18  
DA  "C2'" "C1'"  sing N N 19  
DA  "C2'" "H2'"  sing N N 20  
DA  "C2'" "H2''" sing N N 21  
DA  "C1'" N9     sing N N 22  
DA  "C1'" "H1'"  sing N N 23  
DA  N9    C8     sing Y N 24  
DA  N9    C4     sing Y N 25  
DA  C8    N7     doub Y N 26  
DA  C8    H8     sing N N 27  
DA  N7    C5     sing Y N 28  
DA  C5    C6     sing Y N 29  
DA  C5    C4     doub Y N 30  
DA  C6    N6     sing N N 31  
DA  C6    N1     doub Y N 32  
DA  N6    H61    sing N N 33  
DA  N6    H62    sing N N 34  
DA  N1    C2     sing Y N 35  
DA  C2    N3     doub Y N 36  
DA  C2    H2     sing N N 37  
DA  N3    C4     sing Y N 38  
DC  OP3   P      sing N N 39  
DC  OP3   HOP3   sing N N 40  
DC  P     OP1    doub N N 41  
DC  P     OP2    sing N N 42  
DC  P     "O5'"  sing N N 43  
DC  OP2   HOP2   sing N N 44  
DC  "O5'" "C5'"  sing N N 45  
DC  "C5'" "C4'"  sing N N 46  
DC  "C5'" "H5'"  sing N N 47  
DC  "C5'" "H5''" sing N N 48  
DC  "C4'" "O4'"  sing N N 49  
DC  "C4'" "C3'"  sing N N 50  
DC  "C4'" "H4'"  sing N N 51  
DC  "O4'" "C1'"  sing N N 52  
DC  "C3'" "O3'"  sing N N 53  
DC  "C3'" "C2'"  sing N N 54  
DC  "C3'" "H3'"  sing N N 55  
DC  "O3'" "HO3'" sing N N 56  
DC  "C2'" "C1'"  sing N N 57  
DC  "C2'" "H2'"  sing N N 58  
DC  "C2'" "H2''" sing N N 59  
DC  "C1'" N1     sing N N 60  
DC  "C1'" "H1'"  sing N N 61  
DC  N1    C2     sing N N 62  
DC  N1    C6     sing N N 63  
DC  C2    O2     doub N N 64  
DC  C2    N3     sing N N 65  
DC  N3    C4     doub N N 66  
DC  C4    N4     sing N N 67  
DC  C4    C5     sing N N 68  
DC  N4    H41    sing N N 69  
DC  N4    H42    sing N N 70  
DC  C5    C6     doub N N 71  
DC  C5    H5     sing N N 72  
DC  C6    H6     sing N N 73  
DG  OP3   P      sing N N 74  
DG  OP3   HOP3   sing N N 75  
DG  P     OP1    doub N N 76  
DG  P     OP2    sing N N 77  
DG  P     "O5'"  sing N N 78  
DG  OP2   HOP2   sing N N 79  
DG  "O5'" "C5'"  sing N N 80  
DG  "C5'" "C4'"  sing N N 81  
DG  "C5'" "H5'"  sing N N 82  
DG  "C5'" "H5''" sing N N 83  
DG  "C4'" "O4'"  sing N N 84  
DG  "C4'" "C3'"  sing N N 85  
DG  "C4'" "H4'"  sing N N 86  
DG  "O4'" "C1'"  sing N N 87  
DG  "C3'" "O3'"  sing N N 88  
DG  "C3'" "C2'"  sing N N 89  
DG  "C3'" "H3'"  sing N N 90  
DG  "O3'" "HO3'" sing N N 91  
DG  "C2'" "C1'"  sing N N 92  
DG  "C2'" "H2'"  sing N N 93  
DG  "C2'" "H2''" sing N N 94  
DG  "C1'" N9     sing N N 95  
DG  "C1'" "H1'"  sing N N 96  
DG  N9    C8     sing Y N 97  
DG  N9    C4     sing Y N 98  
DG  C8    N7     doub Y N 99  
DG  C8    H8     sing N N 100 
DG  N7    C5     sing Y N 101 
DG  C5    C6     sing N N 102 
DG  C5    C4     doub Y N 103 
DG  C6    O6     doub N N 104 
DG  C6    N1     sing N N 105 
DG  N1    C2     sing N N 106 
DG  N1    H1     sing N N 107 
DG  C2    N2     sing N N 108 
DG  C2    N3     doub N N 109 
DG  N2    H21    sing N N 110 
DG  N2    H22    sing N N 111 
DG  N3    C4     sing N N 112 
DT  OP3   P      sing N N 113 
DT  OP3   HOP3   sing N N 114 
DT  P     OP1    doub N N 115 
DT  P     OP2    sing N N 116 
DT  P     "O5'"  sing N N 117 
DT  OP2   HOP2   sing N N 118 
DT  "O5'" "C5'"  sing N N 119 
DT  "C5'" "C4'"  sing N N 120 
DT  "C5'" "H5'"  sing N N 121 
DT  "C5'" "H5''" sing N N 122 
DT  "C4'" "O4'"  sing N N 123 
DT  "C4'" "C3'"  sing N N 124 
DT  "C4'" "H4'"  sing N N 125 
DT  "O4'" "C1'"  sing N N 126 
DT  "C3'" "O3'"  sing N N 127 
DT  "C3'" "C2'"  sing N N 128 
DT  "C3'" "H3'"  sing N N 129 
DT  "O3'" "HO3'" sing N N 130 
DT  "C2'" "C1'"  sing N N 131 
DT  "C2'" "H2'"  sing N N 132 
DT  "C2'" "H2''" sing N N 133 
DT  "C1'" N1     sing N N 134 
DT  "C1'" "H1'"  sing N N 135 
DT  N1    C2     sing N N 136 
DT  N1    C6     sing N N 137 
DT  C2    O2     doub N N 138 
DT  C2    N3     sing N N 139 
DT  N3    C4     sing N N 140 
DT  N3    H3     sing N N 141 
DT  C4    O4     doub N N 142 
DT  C4    C5     sing N N 143 
DT  C5    C7     sing N N 144 
DT  C5    C6     doub N N 145 
DT  C7    H71    sing N N 146 
DT  C7    H72    sing N N 147 
DT  C7    H73    sing N N 148 
DT  C6    H6     sing N N 149 
HOH O     H1     sing N N 150 
HOH O     H2     sing N N 151 
# 
loop_
_ndb_struct_conf_na.entry_id 
_ndb_struct_conf_na.feature 
111D 'double helix'         
111D 'b-form double helix'  
111D 'mismatched base pair' 
# 
loop_
_ndb_struct_na_base_pair.model_number 
_ndb_struct_na_base_pair.i_label_asym_id 
_ndb_struct_na_base_pair.i_label_comp_id 
_ndb_struct_na_base_pair.i_label_seq_id 
_ndb_struct_na_base_pair.i_symmetry 
_ndb_struct_na_base_pair.j_label_asym_id 
_ndb_struct_na_base_pair.j_label_comp_id 
_ndb_struct_na_base_pair.j_label_seq_id 
_ndb_struct_na_base_pair.j_symmetry 
_ndb_struct_na_base_pair.shear 
_ndb_struct_na_base_pair.stretch 
_ndb_struct_na_base_pair.stagger 
_ndb_struct_na_base_pair.buckle 
_ndb_struct_na_base_pair.propeller 
_ndb_struct_na_base_pair.opening 
_ndb_struct_na_base_pair.pair_number 
_ndb_struct_na_base_pair.pair_name 
_ndb_struct_na_base_pair.i_auth_asym_id 
_ndb_struct_na_base_pair.i_auth_seq_id 
_ndb_struct_na_base_pair.i_PDB_ins_code 
_ndb_struct_na_base_pair.j_auth_asym_id 
_ndb_struct_na_base_pair.j_auth_seq_id 
_ndb_struct_na_base_pair.j_PDB_ins_code 
_ndb_struct_na_base_pair.hbond_type_28 
_ndb_struct_na_base_pair.hbond_type_12 
1 A DC 1  1_555 B DG 12 1_555 -0.298 -0.356 0.408  -3.175 -11.286 -6.300  1  A_DC1:DG24_B  A 1  ? B 24 ? 19 1 
1 A DG 2  1_555 B DC 11 1_555 -0.974 -0.406 0.132  -0.298 -12.279 1.490   2  A_DG2:DC23_B  A 2  ? B 23 ? 19 1 
1 A DC 3  1_555 B DG 10 1_555 -0.834 -0.175 0.420  -8.186 -6.401  -4.150  3  A_DC3:DG22_B  A 3  ? B 22 ? 19 1 
1 A DA 4  1_555 B DG 9  1_555 0.235  4.094  0.087  -3.533 -16.632 -91.983 4  A_DA4:DG21_B  A 4  ? B 21 ? ?  ? 
1 A DA 5  1_555 B DT 8  1_555 -0.243 -0.212 0.205  -2.614 -17.069 1.778   5  A_DA5:DT20_B  A 5  ? B 20 ? 20 1 
1 A DA 6  1_555 B DT 7  1_555 0.304  -0.217 0.363  6.296  -18.696 1.980   6  A_DA6:DT19_B  A 6  ? B 19 ? 20 1 
1 A DT 7  1_555 B DA 6  1_555 0.655  -0.192 0.329  -4.428 -21.791 4.919   7  A_DT7:DA18_B  A 7  ? B 18 ? 20 1 
1 A DT 8  1_555 B DA 5  1_555 0.443  -0.590 -0.017 -0.374 -20.225 -0.157  8  A_DT8:DA17_B  A 8  ? B 17 ? 20 1 
1 A DG 9  1_555 B DA 4  1_555 -0.546 -3.869 0.057  1.836  20.675  85.499  9  A_DG9:DA16_B  A 9  ? B 16 ? ?  ? 
1 A DG 10 1_555 B DC 3  1_555 0.342  -0.283 0.473  8.441  -3.161  -6.516  10 A_DG10:DC15_B A 10 ? B 15 ? 19 1 
1 A DC 11 1_555 B DG 2  1_555 0.526  -0.462 0.878  -2.751 -21.295 -8.362  11 A_DC11:DG14_B A 11 ? B 14 ? 19 1 
1 A DG 12 1_555 B DC 1  1_555 -0.656 -0.560 -0.022 10.240 -0.591  -3.206  12 A_DG12:DC13_B A 12 ? B 13 ? 19 1 
# 
loop_
_ndb_struct_na_base_pair_step.model_number 
_ndb_struct_na_base_pair_step.i_label_asym_id_1 
_ndb_struct_na_base_pair_step.i_label_comp_id_1 
_ndb_struct_na_base_pair_step.i_label_seq_id_1 
_ndb_struct_na_base_pair_step.i_symmetry_1 
_ndb_struct_na_base_pair_step.j_label_asym_id_1 
_ndb_struct_na_base_pair_step.j_label_comp_id_1 
_ndb_struct_na_base_pair_step.j_label_seq_id_1 
_ndb_struct_na_base_pair_step.j_symmetry_1 
_ndb_struct_na_base_pair_step.i_label_asym_id_2 
_ndb_struct_na_base_pair_step.i_label_comp_id_2 
_ndb_struct_na_base_pair_step.i_label_seq_id_2 
_ndb_struct_na_base_pair_step.i_symmetry_2 
_ndb_struct_na_base_pair_step.j_label_asym_id_2 
_ndb_struct_na_base_pair_step.j_label_comp_id_2 
_ndb_struct_na_base_pair_step.j_label_seq_id_2 
_ndb_struct_na_base_pair_step.j_symmetry_2 
_ndb_struct_na_base_pair_step.shift 
_ndb_struct_na_base_pair_step.slide 
_ndb_struct_na_base_pair_step.rise 
_ndb_struct_na_base_pair_step.tilt 
_ndb_struct_na_base_pair_step.roll 
_ndb_struct_na_base_pair_step.twist 
_ndb_struct_na_base_pair_step.x_displacement 
_ndb_struct_na_base_pair_step.y_displacement 
_ndb_struct_na_base_pair_step.helical_rise 
_ndb_struct_na_base_pair_step.inclination 
_ndb_struct_na_base_pair_step.tip 
_ndb_struct_na_base_pair_step.helical_twist 
_ndb_struct_na_base_pair_step.step_number 
_ndb_struct_na_base_pair_step.step_name 
_ndb_struct_na_base_pair_step.i_auth_asym_id_1 
_ndb_struct_na_base_pair_step.i_auth_seq_id_1 
_ndb_struct_na_base_pair_step.i_PDB_ins_code_1 
_ndb_struct_na_base_pair_step.j_auth_asym_id_1 
_ndb_struct_na_base_pair_step.j_auth_seq_id_1 
_ndb_struct_na_base_pair_step.j_PDB_ins_code_1 
_ndb_struct_na_base_pair_step.i_auth_asym_id_2 
_ndb_struct_na_base_pair_step.i_auth_seq_id_2 
_ndb_struct_na_base_pair_step.i_PDB_ins_code_2 
_ndb_struct_na_base_pair_step.j_auth_asym_id_2 
_ndb_struct_na_base_pair_step.j_auth_seq_id_2 
_ndb_struct_na_base_pair_step.j_PDB_ins_code_2 
1 A DC 1  1_555 B DG 12 1_555 A DG 2  1_555 B DC 11 1_555 0.502  0.301  3.346  3.919    0.546    36.160  0.404   -0.242 3.384  
0.876   -6.290  36.369   1  AA_DC1DG2:DC23DG24_BB   A 1  ? B 24 ? A 2  ? B 23 ? 
1 A DG 2  1_555 B DC 11 1_555 A DC 3  1_555 B DG 10 1_555 0.289  0.353  3.518  -0.212   0.248    39.698  0.489   -0.452 3.519  
0.365   0.312   39.699   2  AA_DG2DC3:DG22DC23_BB   A 2  ? B 23 ? A 3  ? B 22 ? 
1 A DC 3  1_555 B DG 10 1_555 A DA 4  1_555 B DG 9  1_555 1.065  -0.834 2.968  4.858    3.190    76.269  -0.759  -0.731 2.989  
2.579   -3.928  76.456   3  AA_DC3DA4:DG21DG22_BB   A 3  ? B 22 ? A 4  ? B 21 ? 
1 A DA 4  1_555 B DG 9  1_555 A DA 5  1_555 B DT 8  1_555 0.092  2.163  3.483  -1.699   3.510    -8.733  -19.737 -2.721 2.405  
-21.683 -10.499 -9.563   4  AA_DA4DA5:DT20DG21_BB   A 4  ? B 21 ? A 5  ? B 20 ? 
1 A DA 5  1_555 B DT 8  1_555 A DA 6  1_555 B DT 7  1_555 -0.057 -0.332 2.973  -1.525   1.593    39.517  -0.659  -0.078 2.958  
2.354   2.253   39.576   5  AA_DA5DA6:DT19DT20_BB   A 5  ? B 20 ? A 6  ? B 19 ? 
1 A DA 6  1_555 B DT 7  1_555 A DT 7  1_555 B DA 6  1_555 -0.020 -0.722 3.608  1.348    -1.426   32.058  -1.023  0.303  3.632  
-2.580  -2.438  32.117   6  AA_DA6DT7:DA18DT19_BB   A 6  ? B 19 ? A 7  ? B 18 ? 
1 A DT 7  1_555 B DA 6  1_555 A DT 8  1_555 B DA 5  1_555 -0.342 -0.249 3.060  1.324    0.594    39.482  -0.433  0.651  3.044  
0.879   -1.959  39.507   7  AA_DT7DT8:DA17DA18_BB   A 7  ? B 18 ? A 8  ? B 17 ? 
1 A DT 8  1_555 B DA 5  1_555 A DG 9  1_555 B DA 4  1_555 -1.157 -3.548 2.104  -175.018 16.259   -58.824 1.710   -1.283 0.316  
-8.229  -88.580 -176.316 8  AA_DT8DG9:DA16DA17_BB   A 8  ? B 17 ? A 9  ? B 16 ? 
1 A DG 9  1_555 B DA 4  1_555 A DG 10 1_555 B DC 3  1_555 -2.773 -1.387 -0.763 135.072  -110.649 9.185   -1.305  0.642  -1.323 
-56.896 -69.455 174.624  9  AA_DG9DG10:DC15DA16_BB  A 9  ? B 16 ? A 10 ? B 15 ? 
1 A DG 10 1_555 B DC 3  1_555 A DC 11 1_555 B DG 2  1_555 -0.669 0.364  3.832  -5.604   -11.000  39.555  1.898   0.242  3.665  
-15.794 8.046   41.363   10 AA_DG10DC11:DG14DC15_BB A 10 ? B 15 ? A 11 ? B 14 ? 
1 A DC 11 1_555 B DG 2  1_555 A DG 12 1_555 B DC 1  1_555 0.514  0.261  3.087  7.615    1.197    30.655  0.264   0.418  3.128  
2.221   -14.125 31.586   11 AA_DC11DG12:DC13DG14_BB A 11 ? B 14 ? A 12 ? B 13 ? 
# 
_atom_sites.entry_id                    111D 
_atom_sites.fract_transf_matrix[1][1]   0.03345781 
_atom_sites.fract_transf_matrix[1][2]   -0.01650372 
_atom_sites.fract_transf_matrix[1][3]   0.01338415 
_atom_sites.fract_transf_matrix[2][1]   0.00886729 
_atom_sites.fract_transf_matrix[2][2]   0.02205330 
_atom_sites.fract_transf_matrix[2][3]   0.00502695 
_atom_sites.fract_transf_matrix[3][1]   -0.00604026 
_atom_sites.fract_transf_matrix[3][2]   -0.00079087 
_atom_sites.fract_transf_matrix[3][3]   0.01412429 
_atom_sites.fract_transf_vector[1]      0.587706 
_atom_sites.fract_transf_vector[2]      0.526398 
_atom_sites.fract_transf_vector[3]      0.124180 
# 
loop_
_atom_type.symbol 
C 
N 
O 
P 
# 
loop_
_atom_site.group_PDB 
_atom_site.id 
_atom_site.type_symbol 
_atom_site.label_atom_id 
_atom_site.label_alt_id 
_atom_site.label_comp_id 
_atom_site.label_asym_id 
_atom_site.label_entity_id 
_atom_site.label_seq_id 
_atom_site.pdbx_PDB_ins_code 
_atom_site.Cartn_x 
_atom_site.Cartn_y 
_atom_site.Cartn_z 
_atom_site.occupancy 
_atom_site.B_iso_or_equiv 
_atom_site.pdbx_formal_charge 
_atom_site.auth_seq_id 
_atom_site.auth_comp_id 
_atom_site.auth_asym_id 
_atom_site.auth_atom_id 
_atom_site.pdbx_PDB_model_num 
ATOM   1   O "O5'" . DC  A 1 1  ? 1.935   9.641   19.953  1.00 10.00 ? 1  DC  A "O5'" 1 
ATOM   2   C "C5'" . DC  A 1 1  ? 2.699   9.378   18.750  1.00 10.00 ? 1  DC  A "C5'" 1 
ATOM   3   C "C4'" . DC  A 1 1  ? 2.889   7.876   18.634  1.00 10.00 ? 1  DC  A "C4'" 1 
ATOM   4   O "O4'" . DC  A 1 1  ? 1.687   7.171   18.774  1.00 10.00 ? 1  DC  A "O4'" 1 
ATOM   5   C "C3'" . DC  A 1 1  ? 3.456   7.441   17.295  1.00 10.00 ? 1  DC  A "C3'" 1 
ATOM   6   O "O3'" . DC  A 1 1  ? 4.385   6.368   17.398  1.00 10.00 ? 1  DC  A "O3'" 1 
ATOM   7   C "C2'" . DC  A 1 1  ? 2.162   7.030   16.583  1.00 10.00 ? 1  DC  A "C2'" 1 
ATOM   8   C "C1'" . DC  A 1 1  ? 1.569   6.206   17.707  1.00 10.00 ? 1  DC  A "C1'" 1 
ATOM   9   N N1    . DC  A 1 1  ? 0.135   5.962   17.428  1.00 10.00 ? 1  DC  A N1    1 
ATOM   10  C C2    . DC  A 1 1  ? -0.335  4.671   17.656  1.00 10.00 ? 1  DC  A C2    1 
ATOM   11  O O2    . DC  A 1 1  ? 0.426   3.775   18.038  1.00 10.00 ? 1  DC  A O2    1 
ATOM   12  N N3    . DC  A 1 1  ? -1.651  4.418   17.405  1.00 10.00 ? 1  DC  A N3    1 
ATOM   13  C C4    . DC  A 1 1  ? -2.484  5.382   16.954  1.00 10.00 ? 1  DC  A C4    1 
ATOM   14  N N4    . DC  A 1 1  ? -3.770  5.107   16.707  1.00 10.00 ? 1  DC  A N4    1 
ATOM   15  C C5    . DC  A 1 1  ? -1.988  6.685   16.730  1.00 10.00 ? 1  DC  A C5    1 
ATOM   16  C C6    . DC  A 1 1  ? -0.692  6.925   16.972  1.00 10.00 ? 1  DC  A C6    1 
ATOM   17  P P     . DG  A 1 2  ? 5.267   5.985   16.111  1.00 10.00 ? 2  DG  A P     1 
ATOM   18  O OP1   . DG  A 1 2  ? 6.705   6.186   16.454  1.00 10.00 ? 2  DG  A OP1   1 
ATOM   19  O OP2   . DG  A 1 2  ? 4.759   6.767   14.953  1.00 10.00 ? 2  DG  A OP2   1 
ATOM   20  O "O5'" . DG  A 1 2  ? 4.940   4.430   15.906  1.00 10.00 ? 2  DG  A "O5'" 1 
ATOM   21  C "C5'" . DG  A 1 2  ? 5.007   3.646   17.143  1.00 10.00 ? 2  DG  A "C5'" 1 
ATOM   22  C "C4'" . DG  A 1 2  ? 4.692   2.242   16.654  1.00 10.00 ? 2  DG  A "C4'" 1 
ATOM   23  O "O4'" . DG  A 1 2  ? 3.302   2.120   16.520  1.00 10.00 ? 2  DG  A "O4'" 1 
ATOM   24  C "C3'" . DG  A 1 2  ? 5.304   1.921   15.319  1.00 10.00 ? 2  DG  A "C3'" 1 
ATOM   25  O "O3'" . DG  A 1 2  ? 6.178   0.877   15.230  1.00 10.00 ? 2  DG  A "O3'" 1 
ATOM   26  C "C2'" . DG  A 1 2  ? 4.192   2.202   14.356  1.00 10.00 ? 2  DG  A "C2'" 1 
ATOM   27  C "C1'" . DG  A 1 2  ? 2.973   1.822   15.166  1.00 10.00 ? 2  DG  A "C1'" 1 
ATOM   28  N N9    . DG  A 1 2  ? 1.787   2.566   14.751  1.00 10.00 ? 2  DG  A N9    1 
ATOM   29  C C8    . DG  A 1 2  ? 1.692   3.834   14.250  1.00 10.00 ? 2  DG  A C8    1 
ATOM   30  N N7    . DG  A 1 2  ? 0.463   4.214   13.958  1.00 10.00 ? 2  DG  A N7    1 
ATOM   31  C C5    . DG  A 1 2  ? -0.304  3.109   14.304  1.00 10.00 ? 2  DG  A C5    1 
ATOM   32  C C6    . DG  A 1 2  ? -1.694  2.876   14.220  1.00 10.00 ? 2  DG  A C6    1 
ATOM   33  O O6    . DG  A 1 2  ? -2.559  3.682   13.804  1.00 10.00 ? 2  DG  A O6    1 
ATOM   34  N N1    . DG  A 1 2  ? -2.084  1.623   14.635  1.00 10.00 ? 2  DG  A N1    1 
ATOM   35  C C2    . DG  A 1 2  ? -1.204  0.705   15.101  1.00 10.00 ? 2  DG  A C2    1 
ATOM   36  N N2    . DG  A 1 2  ? -1.739  -0.470  15.473  1.00 10.00 ? 2  DG  A N2    1 
ATOM   37  N N3    . DG  A 1 2  ? 0.116   0.864   15.201  1.00 10.00 ? 2  DG  A N3    1 
ATOM   38  C C4    . DG  A 1 2  ? 0.493   2.092   14.794  1.00 10.00 ? 2  DG  A C4    1 
ATOM   39  P P     . DC  A 1 3  ? 6.598   -0.033  13.986  1.00 10.00 ? 3  DC  A P     1 
ATOM   40  O OP1   . DC  A 1 3  ? 7.809   -0.826  14.396  1.00 10.00 ? 3  DC  A OP1   1 
ATOM   41  O OP2   . DC  A 1 3  ? 6.806   0.883   12.824  1.00 10.00 ? 3  DC  A OP2   1 
ATOM   42  O "O5'" . DC  A 1 3  ? 5.373   -0.979  13.692  1.00 10.00 ? 3  DC  A "O5'" 1 
ATOM   43  C "C5'" . DC  A 1 3  ? 5.215   -2.327  14.158  1.00 10.00 ? 3  DC  A "C5'" 1 
ATOM   44  C "C4'" . DC  A 1 3  ? 3.899   -2.773  13.542  1.00 10.00 ? 3  DC  A "C4'" 1 
ATOM   45  O "O4'" . DC  A 1 3  ? 3.003   -1.670  13.525  1.00 10.00 ? 3  DC  A "O4'" 1 
ATOM   46  C "C3'" . DC  A 1 3  ? 3.967   -3.227  12.109  1.00 10.00 ? 3  DC  A "C3'" 1 
ATOM   47  O "O3'" . DC  A 1 3  ? 4.196   -4.638  11.950  1.00 10.00 ? 3  DC  A "O3'" 1 
ATOM   48  C "C2'" . DC  A 1 3  ? 2.658   -2.755  11.491  1.00 10.00 ? 3  DC  A "C2'" 1 
ATOM   49  C "C1'" . DC  A 1 3  ? 1.960   -1.983  12.580  1.00 10.00 ? 3  DC  A "C1'" 1 
ATOM   50  N N1    . DC  A 1 3  ? 1.465   -0.695  12.058  1.00 10.00 ? 3  DC  A N1    1 
ATOM   51  C C2    . DC  A 1 3  ? 0.108   -0.584  11.838  1.00 10.00 ? 3  DC  A C2    1 
ATOM   52  O O2    . DC  A 1 3  ? -0.612  -1.564  12.077  1.00 10.00 ? 3  DC  A O2    1 
ATOM   53  N N3    . DC  A 1 3  ? -0.358  0.611   11.359  1.00 10.00 ? 3  DC  A N3    1 
ATOM   54  C C4    . DC  A 1 3  ? 0.464   1.658   11.103  1.00 10.00 ? 3  DC  A C4    1 
ATOM   55  N N4    . DC  A 1 3  ? -0.015  2.817   10.645  1.00 10.00 ? 3  DC  A N4    1 
ATOM   56  C C5    . DC  A 1 3  ? 1.850   1.522   11.328  1.00 10.00 ? 3  DC  A C5    1 
ATOM   57  C C6    . DC  A 1 3  ? 2.296   0.348   11.807  1.00 10.00 ? 3  DC  A C6    1 
ATOM   58  P P     . DA  A 1 4  ? 4.550   -5.194  10.485  1.00 10.00 ? 4  DA  A P     1 
ATOM   59  O OP1   . DA  A 1 4  ? 5.572   -6.281  10.499  1.00 10.00 ? 4  DA  A OP1   1 
ATOM   60  O OP2   . DA  A 1 4  ? 5.021   -3.981  9.777   1.00 10.00 ? 4  DA  A OP2   1 
ATOM   61  O "O5'" . DA  A 1 4  ? 3.109   -5.712  9.988   1.00 10.00 ? 4  DA  A "O5'" 1 
ATOM   62  C "C5'" . DA  A 1 4  ? 2.344   -6.483  10.956  1.00 10.00 ? 4  DA  A "C5'" 1 
ATOM   63  C "C4'" . DA  A 1 4  ? 0.949   -6.649  10.407  1.00 10.00 ? 4  DA  A "C4'" 1 
ATOM   64  O "O4'" . DA  A 1 4  ? 0.306   -5.410  10.300  1.00 10.00 ? 4  DA  A "O4'" 1 
ATOM   65  C "C3'" . DA  A 1 4  ? 0.897   -7.230  8.985   1.00 10.00 ? 4  DA  A "C3'" 1 
ATOM   66  O "O3'" . DA  A 1 4  ? -0.392  -7.795  8.729   1.00 10.00 ? 4  DA  A "O3'" 1 
ATOM   67  C "C2'" . DA  A 1 4  ? 1.086   -5.926  8.184   1.00 10.00 ? 4  DA  A "C2'" 1 
ATOM   68  C "C1'" . DA  A 1 4  ? 0.080   -5.036  8.922   1.00 10.00 ? 4  DA  A "C1'" 1 
ATOM   69  N N9    . DA  A 1 4  ? 0.371   -3.624  8.636   1.00 10.00 ? 4  DA  A N9    1 
ATOM   70  C C8    . DA  A 1 4  ? 1.611   -3.053  8.442   1.00 10.00 ? 4  DA  A C8    1 
ATOM   71  N N7    . DA  A 1 4  ? 1.582   -1.760  8.211   1.00 10.00 ? 4  DA  A N7    1 
ATOM   72  C C5    . DA  A 1 4  ? 0.218   -1.469  8.246   1.00 10.00 ? 4  DA  A C5    1 
ATOM   73  C C6    . DA  A 1 4  ? -0.456  -0.242  8.090   1.00 10.00 ? 4  DA  A C6    1 
ATOM   74  N N6    . DA  A 1 4  ? 0.163   0.903   7.824   1.00 10.00 ? 4  DA  A N6    1 
ATOM   75  N N1    . DA  A 1 4  ? -1.818  -0.315  8.190   1.00 10.00 ? 4  DA  A N1    1 
ATOM   76  C C2    . DA  A 1 4  ? -2.440  -1.496  8.461   1.00 10.00 ? 4  DA  A C2    1 
ATOM   77  N N3    . DA  A 1 4  ? -1.851  -2.684  8.653   1.00 10.00 ? 4  DA  A N3    1 
ATOM   78  C C4    . DA  A 1 4  ? -0.524  -2.596  8.509   1.00 10.00 ? 4  DA  A C4    1 
ATOM   79  P P     . DA  A 1 5  ? -0.546  -9.184  7.933   1.00 10.00 ? 5  DA  A P     1 
ATOM   80  O OP1   . DA  A 1 5  ? -1.112  -10.235 8.865   1.00 10.00 ? 5  DA  A OP1   1 
ATOM   81  O OP2   . DA  A 1 5  ? 0.799   -9.497  7.429   1.00 10.00 ? 5  DA  A OP2   1 
ATOM   82  O "O5'" . DA  A 1 5  ? -1.691  -8.865  6.860   1.00 10.00 ? 5  DA  A "O5'" 1 
ATOM   83  C "C5'" . DA  A 1 5  ? -3.039  -8.776  7.435   1.00 10.00 ? 5  DA  A "C5'" 1 
ATOM   84  C "C4'" . DA  A 1 5  ? -3.670  -7.585  6.828   1.00 10.00 ? 5  DA  A "C4'" 1 
ATOM   85  O "O4'" . DA  A 1 5  ? -3.085  -6.331  7.015   1.00 10.00 ? 5  DA  A "O4'" 1 
ATOM   86  C "C3'" . DA  A 1 5  ? -4.168  -7.636  5.403   1.00 10.00 ? 5  DA  A "C3'" 1 
ATOM   87  O "O3'" . DA  A 1 5  ? -5.508  -7.062  5.343   1.00 10.00 ? 5  DA  A "O3'" 1 
ATOM   88  C "C2'" . DA  A 1 5  ? -3.219  -6.588  4.762   1.00 10.00 ? 5  DA  A "C2'" 1 
ATOM   89  C "C1'" . DA  A 1 5  ? -3.407  -5.491  5.848   1.00 10.00 ? 5  DA  A "C1'" 1 
ATOM   90  N N9    . DA  A 1 5  ? -2.293  -4.553  5.633   1.00 10.00 ? 5  DA  A N9    1 
ATOM   91  C C8    . DA  A 1 5  ? -0.953  -4.869  5.672   1.00 10.00 ? 5  DA  A C8    1 
ATOM   92  N N7    . DA  A 1 5  ? -0.182  -3.850  5.436   1.00 10.00 ? 5  DA  A N7    1 
ATOM   93  C C5    . DA  A 1 5  ? -1.066  -2.794  5.202   1.00 10.00 ? 5  DA  A C5    1 
ATOM   94  C C6    . DA  A 1 5  ? -0.833  -1.437  4.889   1.00 10.00 ? 5  DA  A C6    1 
ATOM   95  N N6    . DA  A 1 5  ? 0.373   -0.902  4.769   1.00 10.00 ? 5  DA  A N6    1 
ATOM   96  N N1    . DA  A 1 5  ? -1.957  -0.684  4.741   1.00 10.00 ? 5  DA  A N1    1 
ATOM   97  C C2    . DA  A 1 5  ? -3.202  -1.205  4.865   1.00 10.00 ? 5  DA  A C2    1 
ATOM   98  N N3    . DA  A 1 5  ? -3.481  -2.494  5.163   1.00 10.00 ? 5  DA  A N3    1 
ATOM   99  C C4    . DA  A 1 5  ? -2.370  -3.221  5.321   1.00 10.00 ? 5  DA  A C4    1 
ATOM   100 P P     . DA  A 1 6  ? -6.494  -7.593  4.204   1.00 10.00 ? 6  DA  A P     1 
ATOM   101 O OP1   . DA  A 1 6  ? -7.520  -8.445  4.879   1.00 10.00 ? 6  DA  A OP1   1 
ATOM   102 O OP2   . DA  A 1 6  ? -5.550  -8.325  3.286   1.00 10.00 ? 6  DA  A OP2   1 
ATOM   103 O "O5'" . DA  A 1 6  ? -7.132  -6.355  3.499   1.00 10.00 ? 6  DA  A "O5'" 1 
ATOM   104 C "C5'" . DA  A 1 6  ? -7.583  -5.159  4.180   1.00 10.00 ? 6  DA  A "C5'" 1 
ATOM   105 C "C4'" . DA  A 1 6  ? -7.359  -4.083  3.125   1.00 10.00 ? 6  DA  A "C4'" 1 
ATOM   106 O "O4'" . DA  A 1 6  ? -6.012  -3.710  3.071   1.00 10.00 ? 6  DA  A "O4'" 1 
ATOM   107 C "C3'" . DA  A 1 6  ? -7.735  -4.459  1.697   1.00 10.00 ? 6  DA  A "C3'" 1 
ATOM   108 O "O3'" . DA  A 1 6  ? -8.621  -3.446  1.183   1.00 10.00 ? 6  DA  A "O3'" 1 
ATOM   109 C "C2'" . DA  A 1 6  ? -6.397  -4.466  0.958   1.00 10.00 ? 6  DA  A "C2'" 1 
ATOM   110 C "C1'" . DA  A 1 6  ? -5.641  -3.407  1.681   1.00 10.00 ? 6  DA  A "C1'" 1 
ATOM   111 N N9    . DA  A 1 6  ? -4.174  -3.461  1.697   1.00 10.00 ? 6  DA  A N9    1 
ATOM   112 C C8    . DA  A 1 6  ? -3.338  -4.528  1.839   1.00 10.00 ? 6  DA  A C8    1 
ATOM   113 N N7    . DA  A 1 6  ? -2.067  -4.187  1.863   1.00 10.00 ? 6  DA  A N7    1 
ATOM   114 C C5    . DA  A 1 6  ? -2.072  -2.789  1.763   1.00 10.00 ? 6  DA  A C5    1 
ATOM   115 C C6    . DA  A 1 6  ? -1.029  -1.838  1.739   1.00 10.00 ? 6  DA  A C6    1 
ATOM   116 N N6    . DA  A 1 6  ? 0.262   -2.124  1.814   1.00 10.00 ? 6  DA  A N6    1 
ATOM   117 N N1    . DA  A 1 6  ? -1.402  -0.536  1.581   1.00 10.00 ? 6  DA  A N1    1 
ATOM   118 C C2    . DA  A 1 6  ? -2.708  -0.169  1.496   1.00 10.00 ? 6  DA  A C2    1 
ATOM   119 N N3    . DA  A 1 6  ? -3.743  -1.034  1.529   1.00 10.00 ? 6  DA  A N3    1 
ATOM   120 C C4    . DA  A 1 6  ? -3.365  -2.323  1.661   1.00 10.00 ? 6  DA  A C4    1 
ATOM   121 P P     . DT  A 1 7  ? -9.330  -3.661  -0.243  1.00 10.00 ? 7  DT  A P     1 
ATOM   122 O OP1   . DT  A 1 7  ? -10.811 -3.437  -0.248  1.00 10.00 ? 7  DT  A OP1   1 
ATOM   123 O OP2   . DT  A 1 7  ? -8.919  -5.059  -0.507  1.00 10.00 ? 7  DT  A OP2   1 
ATOM   124 O "O5'" . DT  A 1 7  ? -8.645  -2.528  -1.112  1.00 10.00 ? 7  DT  A "O5'" 1 
ATOM   125 C "C5'" . DT  A 1 7  ? -8.641  -1.137  -0.678  1.00 10.00 ? 7  DT  A "C5'" 1 
ATOM   126 C "C4'" . DT  A 1 7  ? -7.431  -0.552  -1.382  1.00 10.00 ? 7  DT  A "C4'" 1 
ATOM   127 O "O4'" . DT  A 1 7  ? -6.249  -1.294  -1.122  1.00 10.00 ? 7  DT  A "O4'" 1 
ATOM   128 C "C3'" . DT  A 1 7  ? -7.491  -0.663  -2.914  1.00 10.00 ? 7  DT  A "C3'" 1 
ATOM   129 O "O3'" . DT  A 1 7  ? -8.226  0.452   -3.350  1.00 10.00 ? 7  DT  A "O3'" 1 
ATOM   130 C "C2'" . DT  A 1 7  ? -6.041  -0.727  -3.345  1.00 10.00 ? 7  DT  A "C2'" 1 
ATOM   131 C "C1'" . DT  A 1 7  ? -5.278  -0.650  -2.044  1.00 10.00 ? 7  DT  A "C1'" 1 
ATOM   132 N N1    . DT  A 1 7  ? -4.067  -1.492  -1.998  1.00 10.00 ? 7  DT  A N1    1 
ATOM   133 C C2    . DT  A 1 7  ? -2.860  -0.833  -1.941  1.00 10.00 ? 7  DT  A C2    1 
ATOM   134 O O2    . DT  A 1 7  ? -2.778  0.392   -1.972  1.00 10.00 ? 7  DT  A O2    1 
ATOM   135 N N3    . DT  A 1 7  ? -1.732  -1.591  -1.883  1.00 10.00 ? 7  DT  A N3    1 
ATOM   136 C C4    . DT  A 1 7  ? -1.769  -2.953  -1.848  1.00 10.00 ? 7  DT  A C4    1 
ATOM   137 O O4    . DT  A 1 7  ? -0.646  -3.556  -1.763  1.00 10.00 ? 7  DT  A O4    1 
ATOM   138 C C5    . DT  A 1 7  ? -3.022  -3.605  -1.875  1.00 10.00 ? 7  DT  A C5    1 
ATOM   139 C C7    . DT  A 1 7  ? -3.059  -5.111  -1.840  1.00 10.00 ? 7  DT  A C7    1 
ATOM   140 C C6    . DT  A 1 7  ? -4.135  -2.856  -1.941  1.00 10.00 ? 7  DT  A C6    1 
ATOM   141 P P     . DT  A 1 8  ? -8.262  1.055   -4.796  1.00 10.00 ? 8  DT  A P     1 
ATOM   142 O OP1   . DT  A 1 8  ? -9.183  2.247   -4.798  1.00 10.00 ? 8  DT  A OP1   1 
ATOM   143 O OP2   . DT  A 1 8  ? -8.643  -0.067  -5.667  1.00 10.00 ? 8  DT  A OP2   1 
ATOM   144 O "O5'" . DT  A 1 8  ? -6.743  1.529   -5.020  1.00 10.00 ? 8  DT  A "O5'" 1 
ATOM   145 C "C5'" . DT  A 1 8  ? -6.478  2.744   -4.236  1.00 10.00 ? 8  DT  A "C5'" 1 
ATOM   146 C "C4'" . DT  A 1 8  ? -5.233  3.304   -4.849  1.00 10.00 ? 8  DT  A "C4'" 1 
ATOM   147 O "O4'" . DT  A 1 8  ? -4.124  2.539   -4.523  1.00 10.00 ? 8  DT  A "O4'" 1 
ATOM   148 C "C3'" . DT  A 1 8  ? -5.271  3.490   -6.369  1.00 10.00 ? 8  DT  A "C3'" 1 
ATOM   149 O "O3'" . DT  A 1 8  ? -5.311  4.842   -6.665  1.00 10.00 ? 8  DT  A "O3'" 1 
ATOM   150 C "C2'" . DT  A 1 8  ? -4.149  2.622   -6.851  1.00 10.00 ? 8  DT  A "C2'" 1 
ATOM   151 C "C1'" . DT  A 1 8  ? -3.197  2.490   -5.666  1.00 10.00 ? 8  DT  A "C1'" 1 
ATOM   152 N N1    . DT  A 1 8  ? -2.674  1.098   -5.569  1.00 10.00 ? 8  DT  A N1    1 
ATOM   153 C C2    . DT  A 1 8  ? -1.344  0.938   -5.250  1.00 10.00 ? 8  DT  A C2    1 
ATOM   154 O O2    . DT  A 1 8  ? -0.601  1.909   -5.112  1.00 10.00 ? 8  DT  A O2    1 
ATOM   155 N N3    . DT  A 1 8  ? -0.902  -0.343  -5.118  1.00 10.00 ? 8  DT  A N3    1 
ATOM   156 C C4    . DT  A 1 8  ? -1.696  -1.424  -5.286  1.00 10.00 ? 8  DT  A C4    1 
ATOM   157 O O4    . DT  A 1 8  ? -1.183  -2.570  -5.137  1.00 10.00 ? 8  DT  A O4    1 
ATOM   158 C C5    . DT  A 1 8  ? -3.068  -1.227  -5.598  1.00 10.00 ? 8  DT  A C5    1 
ATOM   159 C C7    . DT  A 1 8  ? -4.005  -2.399  -5.768  1.00 10.00 ? 8  DT  A C7    1 
ATOM   160 C C6    . DT  A 1 8  ? -3.506  0.031   -5.709  1.00 10.00 ? 8  DT  A C6    1 
ATOM   161 P P     . DG  A 1 9  ? -5.078  5.901   -7.801  1.00 10.00 ? 9  DG  A P     1 
ATOM   162 O OP1   . DG  A 1 9  ? -5.343  7.275   -7.193  1.00 10.00 ? 9  DG  A OP1   1 
ATOM   163 O OP2   . DG  A 1 9  ? -6.011  5.567   -8.891  1.00 10.00 ? 9  DG  A OP2   1 
ATOM   164 O "O5'" . DG  A 1 9  ? -3.533  5.771   -8.188  1.00 10.00 ? 9  DG  A "O5'" 1 
ATOM   165 C "C5'" . DG  A 1 9  ? -2.654  5.664   -7.019  1.00 10.00 ? 9  DG  A "C5'" 1 
ATOM   166 C "C4'" . DG  A 1 9  ? -1.255  5.786   -7.496  1.00 10.00 ? 9  DG  A "C4'" 1 
ATOM   167 O "O4'" . DG  A 1 9  ? -0.429  4.691   -7.212  1.00 10.00 ? 9  DG  A "O4'" 1 
ATOM   168 C "C3'" . DG  A 1 9  ? -1.070  6.085   -8.994  1.00 10.00 ? 9  DG  A "C3'" 1 
ATOM   169 O "O3'" . DG  A 1 9  ? 0.112   6.897   -9.073  1.00 10.00 ? 9  DG  A "O3'" 1 
ATOM   170 C "C2'" . DG  A 1 9  ? -0.842  4.645   -9.508  1.00 10.00 ? 9  DG  A "C2'" 1 
ATOM   171 C "C1'" . DG  A 1 9  ? 0.168   4.203   -8.449  1.00 10.00 ? 9  DG  A "C1'" 1 
ATOM   172 N N9    . DG  A 1 9  ? 0.317   2.742   -8.453  1.00 10.00 ? 9  DG  A N9    1 
ATOM   173 C C8    . DG  A 1 9  ? 1.435   1.994   -8.137  1.00 10.00 ? 9  DG  A C8    1 
ATOM   174 N N7    . DG  A 1 9  ? 1.247   0.697   -8.206  1.00 10.00 ? 9  DG  A N7    1 
ATOM   175 C C5    . DG  A 1 9  ? -0.089  0.585   -8.577  1.00 10.00 ? 9  DG  A C5    1 
ATOM   176 C C6    . DG  A 1 9  ? -0.899  -0.549  -8.839  1.00 10.00 ? 9  DG  A C6    1 
ATOM   177 O O6    . DG  A 1 9  ? -0.576  -1.740  -8.760  1.00 10.00 ? 9  DG  A O6    1 
ATOM   178 N N1    . DG  A 1 9  ? -2.191  -0.260  -9.198  1.00 10.00 ? 9  DG  A N1    1 
ATOM   179 C C2    . DG  A 1 9  ? -2.640  1.021   -9.312  1.00 10.00 ? 9  DG  A C2    1 
ATOM   180 N N2    . DG  A 1 9  ? -3.932  1.132   -9.688  1.00 10.00 ? 9  DG  A N2    1 
ATOM   181 N N3    . DG  A 1 9  ? -1.932  2.123   -9.089  1.00 10.00 ? 9  DG  A N3    1 
ATOM   182 C C4    . DG  A 1 9  ? -0.666  1.826   -8.726  1.00 10.00 ? 9  DG  A C4    1 
ATOM   183 P P     . DG  A 1 10 ? 0.421   7.878   -10.302 1.00 10.00 ? 10 DG  A P     1 
ATOM   184 O OP1   . DG  A 1 10 ? 0.801   9.229   -9.759  1.00 10.00 ? 10 DG  A OP1   1 
ATOM   185 O OP2   . DG  A 1 10 ? -0.837  7.870   -11.088 1.00 10.00 ? 10 DG  A OP2   1 
ATOM   186 O "O5'" . DG  A 1 10 ? 1.651   7.155   -11.012 1.00 10.00 ? 10 DG  A "O5'" 1 
ATOM   187 C "C5'" . DG  A 1 10 ? 2.843   6.917   -10.198 1.00 10.00 ? 10 DG  A "C5'" 1 
ATOM   188 C "C4'" . DG  A 1 10 ? 3.679   5.924   -10.958 1.00 10.00 ? 10 DG  A "C4'" 1 
ATOM   189 O "O4'" . DG  A 1 10 ? 3.174   4.609   -10.822 1.00 10.00 ? 10 DG  A "O4'" 1 
ATOM   190 C "C3'" . DG  A 1 10 ? 3.872   6.147   -12.456 1.00 10.00 ? 10 DG  A "C3'" 1 
ATOM   191 O "O3'" . DG  A 1 10 ? 5.129   5.560   -12.892 1.00 10.00 ? 10 DG  A "O3'" 1 
ATOM   192 C "C2'" . DG  A 1 10 ? 2.706   5.291   -13.009 1.00 10.00 ? 10 DG  A "C2'" 1 
ATOM   193 C "C1'" . DG  A 1 10 ? 3.063   4.063   -12.168 1.00 10.00 ? 10 DG  A "C1'" 1 
ATOM   194 N N9    . DG  A 1 10 ? 2.013   3.047   -12.207 1.00 10.00 ? 10 DG  A N9    1 
ATOM   195 C C8    . DG  A 1 10 ? 0.682   3.177   -12.514 1.00 10.00 ? 10 DG  A C8    1 
ATOM   196 N N7    . DG  A 1 10 ? 0.016   2.052   -12.452 1.00 10.00 ? 10 DG  A N7    1 
ATOM   197 C C5    . DG  A 1 10 ? 0.976   1.110   -12.079 1.00 10.00 ? 10 DG  A C5    1 
ATOM   198 C C6    . DG  A 1 10 ? 0.882   -0.283  -11.836 1.00 10.00 ? 10 DG  A C6    1 
ATOM   199 O O6    . DG  A 1 10 ? -0.134  -0.983  -11.920 1.00 10.00 ? 10 DG  A O6    1 
ATOM   200 N N1    . DG  A 1 10 ? 2.067   -0.870  -11.468 1.00 10.00 ? 10 DG  A N1    1 
ATOM   201 C C2    . DG  A 1 10 ? 3.219   -0.150  -11.347 1.00 10.00 ? 10 DG  A C2    1 
ATOM   202 N N2    . DG  A 1 10 ? 4.304   -0.831  -10.970 1.00 10.00 ? 10 DG  A N2    1 
ATOM   203 N N3    . DG  A 1 10 ? 3.356   1.142   -11.548 1.00 10.00 ? 10 DG  A N3    1 
ATOM   204 C C4    . DG  A 1 10 ? 2.196   1.712   -11.927 1.00 10.00 ? 10 DG  A C4    1 
ATOM   205 P P     . DC  A 1 11 ? 6.260   6.542   -13.522 1.00 10.00 ? 11 DC  A P     1 
ATOM   206 O OP1   . DC  A 1 11 ? 6.158   7.921   -12.950 1.00 10.00 ? 11 DC  A OP1   1 
ATOM   207 O OP2   . DC  A 1 11 ? 5.994   6.498   -14.991 1.00 10.00 ? 11 DC  A OP2   1 
ATOM   208 O "O5'" . DC  A 1 11 ? 7.626   5.875   -13.068 1.00 10.00 ? 11 DC  A "O5'" 1 
ATOM   209 C "C5'" . DC  A 1 11 ? 7.685   5.370   -11.711 1.00 10.00 ? 11 DC  A "C5'" 1 
ATOM   210 C "C4'" . DC  A 1 11 ? 8.046   3.909   -11.830 1.00 10.00 ? 11 DC  A "C4'" 1 
ATOM   211 O "O4'" . DC  A 1 11 ? 6.922   3.132   -12.127 1.00 10.00 ? 11 DC  A "O4'" 1 
ATOM   212 C "C3'" . DC  A 1 11 ? 9.118   3.604   -12.875 1.00 10.00 ? 11 DC  A "C3'" 1 
ATOM   213 O "O3'" . DC  A 1 11 ? 10.110  2.735   -12.329 1.00 10.00 ? 11 DC  A "O3'" 1 
ATOM   214 C "C2'" . DC  A 1 11 ? 8.326   2.951   -14.008 1.00 10.00 ? 11 DC  A "C2'" 1 
ATOM   215 C "C1'" . DC  A 1 11 ? 7.309   2.182   -13.176 1.00 10.00 ? 11 DC  A "C1'" 1 
ATOM   216 N N1    . DC  A 1 11 ? 6.080   1.929   -13.957 1.00 10.00 ? 11 DC  A N1    1 
ATOM   217 C C2    . DC  A 1 11 ? 5.657   0.614   -14.027 1.00 10.00 ? 11 DC  A C2    1 
ATOM   218 O O2    . DC  A 1 11 ? 6.316   -0.281  -13.491 1.00 10.00 ? 11 DC  A O2    1 
ATOM   219 N N3    . DC  A 1 11 ? 4.500   0.368   -14.705 1.00 10.00 ? 11 DC  A N3    1 
ATOM   220 C C4    . DC  A 1 11 ? 3.790   1.353   -15.308 1.00 10.00 ? 11 DC  A C4    1 
ATOM   221 N N4    . DC  A 1 11 ? 2.666   1.047   -15.961 1.00 10.00 ? 11 DC  A N4    1 
ATOM   222 C C5    . DC  A 1 11 ? 4.237   2.700   -15.219 1.00 10.00 ? 11 DC  A C5    1 
ATOM   223 C C6    . DC  A 1 11 ? 5.370   2.932   -14.537 1.00 10.00 ? 11 DC  A C6    1 
ATOM   224 P P     . DG  A 1 12 ? 11.459  2.397   -13.145 1.00 10.00 ? 12 DG  A P     1 
ATOM   225 O OP1   . DG  A 1 12 ? 12.569  2.119   -12.190 1.00 10.00 ? 12 DG  A OP1   1 
ATOM   226 O OP2   . DG  A 1 12 ? 11.664  3.580   -14.024 1.00 10.00 ? 12 DG  A OP2   1 
ATOM   227 O "O5'" . DG  A 1 12 ? 11.029  1.110   -13.981 1.00 10.00 ? 12 DG  A "O5'" 1 
ATOM   228 C "C5'" . DG  A 1 12 ? 11.533  -0.184  -13.548 1.00 10.00 ? 12 DG  A "C5'" 1 
ATOM   229 C "C4'" . DG  A 1 12 ? 11.347  -1.033  -14.788 1.00 10.00 ? 12 DG  A "C4'" 1 
ATOM   230 O "O4'" . DG  A 1 12 ? 9.986   -1.002  -15.134 1.00 10.00 ? 12 DG  A "O4'" 1 
ATOM   231 C "C3'" . DG  A 1 12 ? 12.143  -0.656  -16.018 1.00 10.00 ? 12 DG  A "C3'" 1 
ATOM   232 O "O3'" . DG  A 1 12 ? 13.191  -1.608  -16.296 1.00 10.00 ? 12 DG  A "O3'" 1 
ATOM   233 C "C2'" . DG  A 1 12 ? 11.131  -0.611  -17.156 1.00 10.00 ? 12 DG  A "C2'" 1 
ATOM   234 C "C1'" . DG  A 1 12 ? 9.914   -1.241  -16.565 1.00 10.00 ? 12 DG  A "C1'" 1 
ATOM   235 N N9    . DG  A 1 12 ? 8.673   -0.556  -16.959 1.00 10.00 ? 12 DG  A N9    1 
ATOM   236 C C8    . DG  A 1 12 ? 8.439   0.758   -17.240 1.00 10.00 ? 12 DG  A C8    1 
ATOM   237 N N7    . DG  A 1 12 ? 7.194   1.028   -17.538 1.00 10.00 ? 12 DG  A N7    1 
ATOM   238 C C5    . DG  A 1 12 ? 6.555   -0.213  -17.434 1.00 10.00 ? 12 DG  A C5    1 
ATOM   239 C C6    . DG  A 1 12 ? 5.204   -0.607  -17.638 1.00 10.00 ? 12 DG  A C6    1 
ATOM   240 O O6    . DG  A 1 12 ? 4.264   0.129   -17.956 1.00 10.00 ? 12 DG  A O6    1 
ATOM   241 N N1    . DG  A 1 12 ? 4.971   -1.943  -17.452 1.00 10.00 ? 12 DG  A N1    1 
ATOM   242 C C2    . DG  A 1 12 ? 5.953   -2.813  -17.101 1.00 10.00 ? 12 DG  A C2    1 
ATOM   243 N N2    . DG  A 1 12 ? 5.602   -4.095  -16.962 1.00 10.00 ? 12 DG  A N2    1 
ATOM   244 N N3    . DG  A 1 12 ? 7.228   -2.513  -16.887 1.00 10.00 ? 12 DG  A N3    1 
ATOM   245 C C4    . DG  A 1 12 ? 7.461   -1.193  -17.081 1.00 10.00 ? 12 DG  A C4    1 
ATOM   246 O "O5'" . DC  B 1 1  ? -2.830  -5.859  -20.072 1.00 10.00 ? 13 DC  B "O5'" 1 
ATOM   247 C "C5'" . DC  B 1 1  ? -1.925  -6.782  -20.743 1.00 10.00 ? 13 DC  B "C5'" 1 
ATOM   248 C "C4'" . DC  B 1 1  ? -0.761  -6.884  -19.782 1.00 10.00 ? 13 DC  B "C4'" 1 
ATOM   249 O "O4'" . DC  B 1 1  ? 0.158   -5.840  -19.955 1.00 10.00 ? 13 DC  B "O4'" 1 
ATOM   250 C "C3'" . DC  B 1 1  ? -1.110  -6.913  -18.319 1.00 10.00 ? 13 DC  B "C3'" 1 
ATOM   251 O "O3'" . DC  B 1 1  ? -0.575  -8.063  -17.667 1.00 10.00 ? 13 DC  B "O3'" 1 
ATOM   252 C "C2'" . DC  B 1 1  ? -0.499  -5.640  -17.760 1.00 10.00 ? 13 DC  B "C2'" 1 
ATOM   253 C "C1'" . DC  B 1 1  ? 0.727   -5.468  -18.656 1.00 10.00 ? 13 DC  B "C1'" 1 
ATOM   254 N N1    . DC  B 1 1  ? 1.003   -4.011  -18.691 1.00 10.00 ? 13 DC  B N1    1 
ATOM   255 C C2    . DC  B 1 1  ? 2.241   -3.573  -18.278 1.00 10.00 ? 13 DC  B C2    1 
ATOM   256 O O2    . DC  B 1 1  ? 3.090   -4.381  -17.918 1.00 10.00 ? 13 DC  B O2    1 
ATOM   257 N N3    . DC  B 1 1  ? 2.472   -2.232  -18.302 1.00 10.00 ? 13 DC  B N3    1 
ATOM   258 C C4    . DC  B 1 1  ? 1.547   -1.337  -18.726 1.00 10.00 ? 13 DC  B C4    1 
ATOM   259 N N4    . DC  B 1 1  ? 1.800   -0.025  -18.743 1.00 10.00 ? 13 DC  B N4    1 
ATOM   260 C C5    . DC  B 1 1  ? 0.277   -1.805  -19.147 1.00 10.00 ? 13 DC  B C5    1 
ATOM   261 C C6    . DC  B 1 1  ? 0.061   -3.126  -19.115 1.00 10.00 ? 13 DC  B C6    1 
ATOM   262 P P     . DG  B 1 2  ? -1.506  -8.818  -16.585 1.00 10.00 ? 14 DG  B P     1 
ATOM   263 O OP1   . DG  B 1 2  ? -2.621  -9.501  -17.312 1.00 10.00 ? 14 DG  B OP1   1 
ATOM   264 O OP2   . DG  B 1 2  ? -2.101  -7.752  -15.739 1.00 10.00 ? 14 DG  B OP2   1 
ATOM   265 O "O5'" . DG  B 1 2  ? -0.435  -9.744  -15.867 1.00 10.00 ? 14 DG  B "O5'" 1 
ATOM   266 C "C5'" . DG  B 1 2  ? 0.900   -9.922  -16.362 1.00 10.00 ? 14 DG  B "C5'" 1 
ATOM   267 C "C4'" . DG  B 1 2  ? 1.901   -9.342  -15.426 1.00 10.00 ? 14 DG  B "C4'" 1 
ATOM   268 O "O4'" . DG  B 1 2  ? 2.235   -8.022  -15.733 1.00 10.00 ? 14 DG  B "O4'" 1 
ATOM   269 C "C3'" . DG  B 1 2  ? 1.847   -9.477  -13.942 1.00 10.00 ? 14 DG  B "C3'" 1 
ATOM   270 O "O3'" . DG  B 1 2  ? 2.852   -10.286 -13.337 1.00 10.00 ? 14 DG  B "O3'" 1 
ATOM   271 C "C2'" . DG  B 1 2  ? 1.871   -8.034  -13.412 1.00 10.00 ? 14 DG  B "C2'" 1 
ATOM   272 C "C1'" . DG  B 1 2  ? 2.546   -7.273  -14.517 1.00 10.00 ? 14 DG  B "C1'" 1 
ATOM   273 N N9    . DG  B 1 2  ? 2.028   -5.896  -14.591 1.00 10.00 ? 14 DG  B N9    1 
ATOM   274 C C8    . DG  B 1 2  ? 0.758   -5.475  -14.856 1.00 10.00 ? 14 DG  B C8    1 
ATOM   275 N N7    . DG  B 1 2  ? 0.623   -4.165  -14.876 1.00 10.00 ? 14 DG  B N7    1 
ATOM   276 C C5    . DG  B 1 2  ? 1.905   -3.694  -14.585 1.00 10.00 ? 14 DG  B C5    1 
ATOM   277 C C6    . DG  B 1 2  ? 2.401   -2.384  -14.426 1.00 10.00 ? 14 DG  B C6    1 
ATOM   278 O O6    . DG  B 1 2  ? 1.791   -1.309  -14.542 1.00 10.00 ? 14 DG  B O6    1 
ATOM   279 N N1    . DG  B 1 2  ? 3.742   -2.318  -14.139 1.00 10.00 ? 14 DG  B N1    1 
ATOM   280 C C2    . DG  B 1 2  ? 4.509   -3.424  -14.000 1.00 10.00 ? 14 DG  B C2    1 
ATOM   281 N N2    . DG  B 1 2  ? 5.801   -3.182  -13.719 1.00 10.00 ? 14 DG  B N2    1 
ATOM   282 N N3    . DG  B 1 2  ? 4.085   -4.674  -14.132 1.00 10.00 ? 14 DG  B N3    1 
ATOM   283 C C4    . DG  B 1 2  ? 2.774   -4.743  -14.420 1.00 10.00 ? 14 DG  B C4    1 
ATOM   284 P P     . DC  B 1 3  ? 2.760   -10.743 -11.810 1.00 10.00 ? 15 DC  B P     1 
ATOM   285 O OP1   . DC  B 1 3  ? 2.536   -12.236 -11.748 1.00 10.00 ? 15 DC  B OP1   1 
ATOM   286 O OP2   . DC  B 1 3  ? 1.560   -10.045 -11.243 1.00 10.00 ? 15 DC  B OP2   1 
ATOM   287 O "O5'" . DC  B 1 3  ? 4.086   -10.309 -11.098 1.00 10.00 ? 15 DC  B "O5'" 1 
ATOM   288 C "C5'" . DC  B 1 3  ? 5.253   -9.728  -11.664 1.00 10.00 ? 15 DC  B "C5'" 1 
ATOM   289 C "C4'" . DC  B 1 3  ? 5.512   -8.416  -10.977 1.00 10.00 ? 15 DC  B "C4'" 1 
ATOM   290 O "O4'" . DC  B 1 3  ? 4.708   -7.367  -11.454 1.00 10.00 ? 15 DC  B "O4'" 1 
ATOM   291 C "C3'" . DC  B 1 3  ? 5.359   -8.413  -9.470  1.00 10.00 ? 15 DC  B "C3'" 1 
ATOM   292 O "O3'" . DC  B 1 3  ? 6.600   -8.196  -8.786  1.00 10.00 ? 15 DC  B "O3'" 1 
ATOM   293 C "C2'" . DC  B 1 3  ? 4.382   -7.286  -9.166  1.00 10.00 ? 15 DC  B "C2'" 1 
ATOM   294 C "C1'" . DC  B 1 3  ? 4.586   -6.388  -10.382 1.00 10.00 ? 15 DC  B "C1'" 1 
ATOM   295 N N1    . DC  B 1 3  ? 3.324   -5.635  -10.567 1.00 10.00 ? 15 DC  B N1    1 
ATOM   296 C C2    . DC  B 1 3  ? 3.422   -4.265  -10.619 1.00 10.00 ? 15 DC  B C2    1 
ATOM   297 O O2    . DC  B 1 3  ? 4.534   -3.737  -10.524 1.00 10.00 ? 15 DC  B O2    1 
ATOM   298 N N3    . DC  B 1 3  ? 2.265   -3.556  -10.797 1.00 10.00 ? 15 DC  B N3    1 
ATOM   299 C C4    . DC  B 1 3  ? 1.073   -4.147  -10.951 1.00 10.00 ? 15 DC  B C4    1 
ATOM   300 N N4    . DC  B 1 3  ? -0.029  -3.403  -11.140 1.00 10.00 ? 15 DC  B N4    1 
ATOM   301 C C5    . DC  B 1 3  ? 0.986   -5.560  -10.905 1.00 10.00 ? 15 DC  B C5    1 
ATOM   302 C C6    . DC  B 1 3  ? 2.119   -6.251  -10.713 1.00 10.00 ? 15 DC  B C6    1 
ATOM   303 P P     . DA  B 1 4  ? 6.641   -8.534  -7.216  1.00 10.00 ? 16 DA  B P     1 
ATOM   304 O OP1   . DA  B 1 4  ? 7.749   -9.474  -6.900  1.00 10.00 ? 16 DA  B OP1   1 
ATOM   305 O OP2   . DA  B 1 4  ? 5.287   -9.030  -6.930  1.00 10.00 ? 16 DA  B OP2   1 
ATOM   306 O "O5'" . DA  B 1 4  ? 6.989   -7.082  -6.624  1.00 10.00 ? 16 DA  B "O5'" 1 
ATOM   307 C "C5'" . DA  B 1 4  ? 8.420   -6.767  -6.852  1.00 10.00 ? 16 DA  B "C5'" 1 
ATOM   308 C "C4'" . DA  B 1 4  ? 8.512   -5.293  -6.617  1.00 10.00 ? 16 DA  B "C4'" 1 
ATOM   309 O "O4'" . DA  B 1 4  ? 7.478   -4.591  -7.253  1.00 10.00 ? 16 DA  B "O4'" 1 
ATOM   310 C "C3'" . DA  B 1 4  ? 8.543   -4.856  -5.148  1.00 10.00 ? 16 DA  B "C3'" 1 
ATOM   311 O "O3'" . DA  B 1 4  ? 9.431   -3.744  -5.025  1.00 10.00 ? 16 DA  B "O3'" 1 
ATOM   312 C "C2'" . DA  B 1 4  ? 7.092   -4.448  -4.932  1.00 10.00 ? 16 DA  B "C2'" 1 
ATOM   313 C "C1'" . DA  B 1 4  ? 6.701   -3.867  -6.278  1.00 10.00 ? 16 DA  B "C1'" 1 
ATOM   314 N N9    . DA  B 1 4  ? 5.266   -4.110  -6.515  1.00 10.00 ? 16 DA  B N9    1 
ATOM   315 C C8    . DA  B 1 4  ? 4.536   -5.222  -6.259  1.00 10.00 ? 16 DA  B C8    1 
ATOM   316 N N7    . DA  B 1 4  ? 3.262   -5.119  -6.572  1.00 10.00 ? 16 DA  B N7    1 
ATOM   317 C C5    . DA  B 1 4  ? 3.172   -3.838  -7.098  1.00 10.00 ? 16 DA  B C5    1 
ATOM   318 C C6    . DA  B 1 4  ? 2.063   -3.128  -7.624  1.00 10.00 ? 16 DA  B C6    1 
ATOM   319 N N6    . DA  B 1 4  ? 0.847   -3.648  -7.692  1.00 10.00 ? 16 DA  B N6    1 
ATOM   320 N N1    . DA  B 1 4  ? 2.331   -1.843  -8.019  1.00 10.00 ? 16 DA  B N1    1 
ATOM   321 C C2    . DA  B 1 4  ? 3.586   -1.314  -7.920  1.00 10.00 ? 16 DA  B C2    1 
ATOM   322 N N3    . DA  B 1 4  ? 4.668   -1.931  -7.442  1.00 10.00 ? 16 DA  B N3    1 
ATOM   323 C C4    . DA  B 1 4  ? 4.387   -3.199  -7.052  1.00 10.00 ? 16 DA  B C4    1 
ATOM   324 P P     . DA  B 1 5  ? 10.006  -3.191  -3.651  1.00 10.00 ? 17 DA  B P     1 
ATOM   325 O OP1   . DA  B 1 5  ? 11.497  -3.311  -3.628  1.00 10.00 ? 17 DA  B OP1   1 
ATOM   326 O OP2   . DA  B 1 5  ? 9.297   -3.992  -2.647  1.00 10.00 ? 17 DA  B OP2   1 
ATOM   327 O "O5'" . DA  B 1 5  ? 9.635   -1.631  -3.736  1.00 10.00 ? 17 DA  B "O5'" 1 
ATOM   328 C "C5'" . DA  B 1 5  ? 9.635   -1.092  -5.087  1.00 10.00 ? 17 DA  B "C5'" 1 
ATOM   329 C "C4'" . DA  B 1 5  ? 8.825   0.163   -5.101  1.00 10.00 ? 17 DA  B "C4'" 1 
ATOM   330 O "O4'" . DA  B 1 5  ? 7.475   -0.054  -5.471  1.00 10.00 ? 17 DA  B "O4'" 1 
ATOM   331 C "C3'" . DA  B 1 5  ? 8.782   0.923   -3.767  1.00 10.00 ? 17 DA  B "C3'" 1 
ATOM   332 O "O3'" . DA  B 1 5  ? 8.484   2.297   -4.016  1.00 10.00 ? 17 DA  B "O3'" 1 
ATOM   333 C "C2'" . DA  B 1 5  ? 7.549   0.212   -3.151  1.00 10.00 ? 17 DA  B "C2'" 1 
ATOM   334 C "C1'" . DA  B 1 5  ? 6.623   0.380   -4.381  1.00 10.00 ? 17 DA  B "C1'" 1 
ATOM   335 N N9    . DA  B 1 5  ? 5.483   -0.534  -4.204  1.00 10.00 ? 17 DA  B N9    1 
ATOM   336 C C8    . DA  B 1 5  ? 5.470   -1.818  -3.723  1.00 10.00 ? 17 DA  B C8    1 
ATOM   337 N N7    . DA  B 1 5  ? 4.280   -2.356  -3.660  1.00 10.00 ? 17 DA  B N7    1 
ATOM   338 C C5    . DA  B 1 5  ? 3.447   -1.359  -4.158  1.00 10.00 ? 17 DA  B C5    1 
ATOM   339 C C6    . DA  B 1 5  ? 2.054   -1.329  -4.377  1.00 10.00 ? 17 DA  B C6    1 
ATOM   340 N N6    . DA  B 1 5  ? 1.239   -2.334  -4.102  1.00 10.00 ? 17 DA  B N6    1 
ATOM   341 N N1    . DA  B 1 5  ? 1.584   -0.162  -4.910  1.00 10.00 ? 17 DA  B N1    1 
ATOM   342 C C2    . DA  B 1 5  ? 2.390   0.895   -5.200  1.00 10.00 ? 17 DA  B C2    1 
ATOM   343 N N3    . DA  B 1 5  ? 3.714   0.930   -5.006  1.00 10.00 ? 17 DA  B N3    1 
ATOM   344 C C4    . DA  B 1 5  ? 4.175   -0.238  -4.492  1.00 10.00 ? 17 DA  B C4    1 
ATOM   345 P P     . DA  B 1 6  ? 8.900   3.509   -3.048  1.00 10.00 ? 18 DA  B P     1 
ATOM   346 O OP1   . DA  B 1 6  ? 9.721   4.465   -3.875  1.00 10.00 ? 18 DA  B OP1   1 
ATOM   347 O OP2   . DA  B 1 6  ? 9.600   2.896   -1.912  1.00 10.00 ? 18 DA  B OP2   1 
ATOM   348 O "O5'" . DA  B 1 6  ? 7.478   4.195   -2.732  1.00 10.00 ? 18 DA  B "O5'" 1 
ATOM   349 C "C5'" . DA  B 1 6  ? 6.766   4.582   -3.950  1.00 10.00 ? 18 DA  B "C5'" 1 
ATOM   350 C "C4'" . DA  B 1 6  ? 5.438   5.164   -3.565  1.00 10.00 ? 18 DA  B "C4'" 1 
ATOM   351 O "O4'" . DA  B 1 6  ? 4.426   4.173   -3.537  1.00 10.00 ? 18 DA  B "O4'" 1 
ATOM   352 C "C3'" . DA  B 1 6  ? 5.430   5.858   -2.219  1.00 10.00 ? 18 DA  B "C3'" 1 
ATOM   353 O "O3'" . DA  B 1 6  ? 4.654   7.045   -2.215  1.00 10.00 ? 18 DA  B "O3'" 1 
ATOM   354 C "C2'" . DA  B 1 6  ? 4.913   4.722   -1.336  1.00 10.00 ? 18 DA  B "C2'" 1 
ATOM   355 C "C1'" . DA  B 1 6  ? 3.828   4.112   -2.237  1.00 10.00 ? 18 DA  B "C1'" 1 
ATOM   356 N N9    . DA  B 1 6  ? 3.560   2.737   -1.814  1.00 10.00 ? 18 DA  B N9    1 
ATOM   357 C C8    . DA  B 1 6  ? 4.424   1.851   -1.225  1.00 10.00 ? 18 DA  B C8    1 
ATOM   358 N N7    . DA  B 1 6  ? 3.873   0.688   -0.938  1.00 10.00 ? 18 DA  B N7    1 
ATOM   359 C C5    . DA  B 1 6  ? 2.560   0.815   -1.386  1.00 10.00 ? 18 DA  B C5    1 
ATOM   360 C C6    . DA  B 1 6  ? 1.486   -0.099  -1.373  1.00 10.00 ? 18 DA  B C6    1 
ATOM   361 N N6    . DA  B 1 6  ? 1.543   -1.350  -0.915  1.00 10.00 ? 18 DA  B N6    1 
ATOM   362 N N1    . DA  B 1 6  ? 0.311   0.389   -1.876  1.00 10.00 ? 18 DA  B N1    1 
ATOM   363 C C2    . DA  B 1 6  ? 0.216   1.657   -2.362  1.00 10.00 ? 18 DA  B C2    1 
ATOM   364 N N3    . DA  B 1 6  ? 1.204   2.563   -2.406  1.00 10.00 ? 18 DA  B N3    1 
ATOM   365 C C4    . DA  B 1 6  ? 2.354   2.064   -1.914  1.00 10.00 ? 18 DA  B C4    1 
ATOM   366 P P     . DT  B 1 7  ? 4.513   7.991   -0.928  1.00 10.00 ? 19 DT  B P     1 
ATOM   367 O OP1   . DT  B 1 7  ? 4.499   9.433   -1.341  1.00 10.00 ? 19 DT  B OP1   1 
ATOM   368 O OP2   . DT  B 1 7  ? 5.619   7.588   -0.038  1.00 10.00 ? 19 DT  B OP2   1 
ATOM   369 O "O5'" . DT  B 1 7  ? 3.064   7.567   -0.368  1.00 10.00 ? 19 DT  B "O5'" 1 
ATOM   370 C "C5'" . DT  B 1 7  ? 1.971   7.924   -1.283  1.00 10.00 ? 19 DT  B "C5'" 1 
ATOM   371 C "C4'" . DT  B 1 7  ? 0.850   6.987   -0.965  1.00 10.00 ? 19 DT  B "C4'" 1 
ATOM   372 O "O4'" . DT  B 1 7  ? 1.244   5.679   -0.614  1.00 10.00 ? 19 DT  B "O4'" 1 
ATOM   373 C "C3'" . DT  B 1 7  ? -0.121  7.427   0.096   1.00 10.00 ? 19 DT  B "C3'" 1 
ATOM   374 O "O3'" . DT  B 1 7  ? -1.338  7.960   -0.437  1.00 10.00 ? 19 DT  B "O3'" 1 
ATOM   375 C "C2'" . DT  B 1 7  ? -0.302  6.209   0.998   1.00 10.00 ? 19 DT  B "C2'" 1 
ATOM   376 C "C1'" . DT  B 1 7  ? 0.074   5.072   0.076   1.00 10.00 ? 19 DT  B "C1'" 1 
ATOM   377 N N1    . DT  B 1 7  ? 0.552   3.846   0.729   1.00 10.00 ? 19 DT  B N1    1 
ATOM   378 C C2    . DT  B 1 7  ? -0.336  2.795   0.863   1.00 10.00 ? 19 DT  B C2    1 
ATOM   379 O O2    . DT  B 1 7  ? -1.519  2.878   0.518   1.00 10.00 ? 19 DT  B O2    1 
ATOM   380 N N3    . DT  B 1 7  ? 0.120   1.654   1.462   1.00 10.00 ? 19 DT  B N3    1 
ATOM   381 C C4    . DT  B 1 7  ? 1.417   1.511   1.853   1.00 10.00 ? 19 DT  B C4    1 
ATOM   382 O O4    . DT  B 1 7  ? 1.745   0.389   2.355   1.00 10.00 ? 19 DT  B O4    1 
ATOM   383 C C5    . DT  B 1 7  ? 2.318   2.592   1.690   1.00 10.00 ? 19 DT  B C5    1 
ATOM   384 C C7    . DT  B 1 7  ? 3.745   2.473   2.137   1.00 10.00 ? 19 DT  B C7    1 
ATOM   385 C C6    . DT  B 1 7  ? 1.851   3.724   1.143   1.00 10.00 ? 19 DT  B C6    1 
ATOM   386 P P     . DT  B 1 8  ? -2.169  8.879   0.598   1.00 10.00 ? 20 DT  B P     1 
ATOM   387 O OP1   . DT  B 1 8  ? -2.945  9.928   -0.108  1.00 10.00 ? 20 DT  B OP1   1 
ATOM   388 O OP2   . DT  B 1 8  ? -1.077  9.387   1.475   1.00 10.00 ? 20 DT  B OP2   1 
ATOM   389 O "O5'" . DT  B 1 8  ? -3.094  7.847   1.390   1.00 10.00 ? 20 DT  B "O5'" 1 
ATOM   390 C "C5'" . DT  B 1 8  ? -3.223  6.555   0.717   1.00 10.00 ? 20 DT  B "C5'" 1 
ATOM   391 C "C4'" . DT  B 1 8  ? -4.359  5.840   1.360   1.00 10.00 ? 20 DT  B "C4'" 1 
ATOM   392 O "O4'" . DT  B 1 8  ? -4.018  4.569   1.824   1.00 10.00 ? 20 DT  B "O4'" 1 
ATOM   393 C "C3'" . DT  B 1 8  ? -5.061  6.537   2.528   1.00 10.00 ? 20 DT  B "C3'" 1 
ATOM   394 O "O3'" . DT  B 1 8  ? -6.430  6.184   2.412   1.00 10.00 ? 20 DT  B "O3'" 1 
ATOM   395 C "C2'" . DT  B 1 8  ? -4.348  5.928   3.741   1.00 10.00 ? 20 DT  B "C2'" 1 
ATOM   396 C "C1'" . DT  B 1 8  ? -4.062  4.537   3.254   1.00 10.00 ? 20 DT  B "C1'" 1 
ATOM   397 N N1    . DT  B 1 8  ? -2.793  3.969   3.723   1.00 10.00 ? 20 DT  B N1    1 
ATOM   398 C C2    . DT  B 1 8  ? -2.795  2.611   3.937   1.00 10.00 ? 20 DT  B C2    1 
ATOM   399 O O2    . DT  B 1 8  ? -3.805  1.918   3.763   1.00 10.00 ? 20 DT  B O2    1 
ATOM   400 N N3    . DT  B 1 8  ? -1.632  2.026   4.351   1.00 10.00 ? 20 DT  B N3    1 
ATOM   401 C C4    . DT  B 1 8  ? -0.502  2.749   4.577   1.00 10.00 ? 20 DT  B C4    1 
ATOM   402 O O4    . DT  B 1 8  ? 0.518   2.107   4.978   1.00 10.00 ? 20 DT  B O4    1 
ATOM   403 C C5    . DT  B 1 8  ? -0.521  4.158   4.359   1.00 10.00 ? 20 DT  B C5    1 
ATOM   404 C C7    . DT  B 1 8  ? 0.722   4.974   4.574   1.00 10.00 ? 20 DT  B C7    1 
ATOM   405 C C6    . DT  B 1 8  ? -1.668  4.698   3.933   1.00 10.00 ? 20 DT  B C6    1 
ATOM   406 P P     . DG  B 1 9  ? -7.640  6.993   3.066   1.00 10.00 ? 21 DG  B P     1 
ATOM   407 O OP1   . DG  B 1 9  ? -8.760  7.063   2.066   1.00 10.00 ? 21 DG  B OP1   1 
ATOM   408 O OP2   . DG  B 1 9  ? -7.063  8.263   3.504   1.00 10.00 ? 21 DG  B OP2   1 
ATOM   409 O "O5'" . DG  B 1 9  ? -8.047  5.960   4.236   1.00 10.00 ? 21 DG  B "O5'" 1 
ATOM   410 C "C5'" . DG  B 1 9  ? -8.309  4.642   3.660   1.00 10.00 ? 21 DG  B "C5'" 1 
ATOM   411 C "C4'" . DG  B 1 9  ? -8.543  3.665   4.737   1.00 10.00 ? 21 DG  B "C4'" 1 
ATOM   412 O "O4'" . DG  B 1 9  ? -7.490  2.798   5.033   1.00 10.00 ? 21 DG  B "O4'" 1 
ATOM   413 C "C3'" . DG  B 1 9  ? -9.128  4.143   6.058   1.00 10.00 ? 21 DG  B "C3'" 1 
ATOM   414 O "O3'" . DG  B 1 9  ? -10.119 3.176   6.422   1.00 10.00 ? 21 DG  B "O3'" 1 
ATOM   415 C "C2'" . DG  B 1 9  ? -7.844  4.092   6.922   1.00 10.00 ? 21 DG  B "C2'" 1 
ATOM   416 C "C1'" . DG  B 1 9  ? -7.275  2.770   6.448   1.00 10.00 ? 21 DG  B "C1'" 1 
ATOM   417 N N9    . DG  B 1 9  ? -5.888  2.497   6.813   1.00 10.00 ? 21 DG  B N9    1 
ATOM   418 C C8    . DG  B 1 9  ? -5.346  1.255   7.103   1.00 10.00 ? 21 DG  B C8    1 
ATOM   419 N N7    . DG  B 1 9  ? -4.062  1.286   7.391   1.00 10.00 ? 21 DG  B N7    1 
ATOM   420 C C5    . DG  B 1 9  ? -3.743  2.634   7.278   1.00 10.00 ? 21 DG  B C5    1 
ATOM   421 C C6    . DG  B 1 9  ? -2.518  3.325   7.458   1.00 10.00 ? 21 DG  B C6    1 
ATOM   422 O O6    . DG  B 1 9  ? -1.428  2.837   7.776   1.00 10.00 ? 21 DG  B O6    1 
ATOM   423 N N1    . DG  B 1 9  ? -2.589  4.680   7.249   1.00 10.00 ? 21 DG  B N1    1 
ATOM   424 C C2    . DG  B 1 9  ? -3.751  5.299   6.900   1.00 10.00 ? 21 DG  B C2    1 
ATOM   425 N N2    . DG  B 1 9  ? -3.680  6.626   6.721   1.00 10.00 ? 21 DG  B N2    1 
ATOM   426 N N3    . DG  B 1 9  ? -4.933  4.704   6.721   1.00 10.00 ? 21 DG  B N3    1 
ATOM   427 C C4    . DG  B 1 9  ? -4.855  3.376   6.935   1.00 10.00 ? 21 DG  B C4    1 
ATOM   428 P P     . DG  B 1 10 ? -11.295 3.383   7.467   1.00 10.00 ? 22 DG  B P     1 
ATOM   429 O OP1   . DG  B 1 10 ? -12.630 3.615   6.838   1.00 10.00 ? 22 DG  B OP1   1 
ATOM   430 O OP2   . DG  B 1 10 ? -10.846 4.598   8.229   1.00 10.00 ? 22 DG  B OP2   1 
ATOM   431 O "O5'" . DG  B 1 10 ? -11.260 2.037   8.335   1.00 10.00 ? 22 DG  B "O5'" 1 
ATOM   432 C "C5'" . DG  B 1 10 ? -10.031 1.273   8.349   1.00 10.00 ? 22 DG  B "C5'" 1 
ATOM   433 C "C4'" . DG  B 1 10 ? -9.673  0.775   9.699   1.00 10.00 ? 22 DG  B "C4'" 1 
ATOM   434 O "O4'" . DG  B 1 10 ? -8.268  0.870   9.889   1.00 10.00 ? 22 DG  B "O4'" 1 
ATOM   435 C "C3'" . DG  B 1 10 ? -10.282 1.341   10.979  1.00 10.00 ? 22 DG  B "C3'" 1 
ATOM   436 O "O3'" . DG  B 1 10 ? -10.097 0.469   12.107  1.00 10.00 ? 22 DG  B "O3'" 1 
ATOM   437 C "C2'" . DG  B 1 10 ? -9.301  2.532   11.225  1.00 10.00 ? 22 DG  B "C2'" 1 
ATOM   438 C "C1'" . DG  B 1 10 ? -8.022  1.739   11.019  1.00 10.00 ? 22 DG  B "C1'" 1 
ATOM   439 N N9    . DG  B 1 10 ? -6.857  2.614   10.851  1.00 10.00 ? 22 DG  B N9    1 
ATOM   440 C C8    . DG  B 1 10 ? -6.798  3.952   10.583  1.00 10.00 ? 22 DG  B C8    1 
ATOM   441 N N7    . DG  B 1 10 ? -5.578  4.418   10.530  1.00 10.00 ? 22 DG  B N7    1 
ATOM   442 C C5    . DG  B 1 10 ? -4.769  3.304   10.763  1.00 10.00 ? 22 DG  B C5    1 
ATOM   443 C C6    . DG  B 1 10 ? -3.364  3.152   10.824  1.00 10.00 ? 22 DG  B C6    1 
ATOM   444 O O6    . DG  B 1 10 ? -2.496  4.026   10.671  1.00 10.00 ? 22 DG  B O6    1 
ATOM   445 N N1    . DG  B 1 10 ? -2.933  1.870   11.072  1.00 10.00 ? 22 DG  B N1    1 
ATOM   446 C C2    . DG  B 1 10 ? -3.808  0.844   11.249  1.00 10.00 ? 22 DG  B C2    1 
ATOM   447 N N2    . DG  B 1 10 ? -3.240  -0.334  11.476  1.00 10.00 ? 22 DG  B N2    1 
ATOM   448 N N3    . DG  B 1 10 ? -5.118  0.929   11.197  1.00 10.00 ? 22 DG  B N3    1 
ATOM   449 C C4    . DG  B 1 10 ? -5.539  2.186   10.959  1.00 10.00 ? 22 DG  B C4    1 
ATOM   450 P P     . DC  B 1 11 ? -11.250 -0.484  12.672  1.00 10.00 ? 23 DC  B P     1 
ATOM   451 O OP1   . DC  B 1 11 ? -11.920 -1.184  11.518  1.00 10.00 ? 23 DC  B OP1   1 
ATOM   452 O OP2   . DC  B 1 11 ? -12.146 0.371   13.469  1.00 10.00 ? 23 DC  B OP2   1 
ATOM   453 O "O5'" . DC  B 1 11 ? -10.400 -1.538  13.550  1.00 10.00 ? 23 DC  B "O5'" 1 
ATOM   454 C "C5'" . DC  B 1 11 ? -9.173  -1.975  12.889  1.00 10.00 ? 23 DC  B "C5'" 1 
ATOM   455 C "C4'" . DC  B 1 11 ? -8.315  -2.703  13.873  1.00 10.00 ? 23 DC  B "C4'" 1 
ATOM   456 O "O4'" . DC  B 1 11 ? -6.997  -2.183  13.865  1.00 10.00 ? 23 DC  B "O4'" 1 
ATOM   457 C "C3'" . DC  B 1 11 ? -8.748  -2.725  15.329  1.00 10.00 ? 23 DC  B "C3'" 1 
ATOM   458 O "O3'" . DC  B 1 11 ? -8.256  -3.870  16.043  1.00 10.00 ? 23 DC  B "O3'" 1 
ATOM   459 C "C2'" . DC  B 1 11 ? -8.113  -1.422  15.815  1.00 10.00 ? 23 DC  B "C2'" 1 
ATOM   460 C "C1'" . DC  B 1 11 ? -6.863  -1.306  14.969  1.00 10.00 ? 23 DC  B "C1'" 1 
ATOM   461 N N1    . DC  B 1 11 ? -6.573  0.106   14.648  1.00 10.00 ? 23 DC  B N1    1 
ATOM   462 C C2    . DC  B 1 11 ? -5.243  0.460   14.628  1.00 10.00 ? 23 DC  B C2    1 
ATOM   463 O O2    . DC  B 1 11 ? -4.345  -0.378  14.788  1.00 10.00 ? 23 DC  B O2    1 
ATOM   464 N N3    . DC  B 1 11 ? -4.948  1.772   14.417  1.00 10.00 ? 23 DC  B N3    1 
ATOM   465 C C4    . DC  B 1 11 ? -5.890  2.716   14.223  1.00 10.00 ? 23 DC  B C4    1 
ATOM   466 N N4    . DC  B 1 11 ? -5.481  3.972   13.965  1.00 10.00 ? 23 DC  B N4    1 
ATOM   467 C C5    . DC  B 1 11 ? -7.245  2.348   14.253  1.00 10.00 ? 23 DC  B C5    1 
ATOM   468 C C6    . DC  B 1 11 ? -7.523  1.061   14.465  1.00 10.00 ? 23 DC  B C6    1 
ATOM   469 P P     . DG  B 1 12 ? -8.906  -4.362  17.436  1.00 10.00 ? 24 DG  B P     1 
ATOM   470 O OP1   . DG  B 1 12 ? -9.469  -5.740  17.295  1.00 10.00 ? 24 DG  B OP1   1 
ATOM   471 O OP2   . DG  B 1 12 ? -9.910  -3.287  17.739  1.00 10.00 ? 24 DG  B OP2   1 
ATOM   472 O "O5'" . DG  B 1 12 ? -7.689  -4.369  18.466  1.00 10.00 ? 24 DG  B "O5'" 1 
ATOM   473 C "C5'" . DG  B 1 12 ? -6.658  -5.376  18.418  1.00 10.00 ? 24 DG  B "C5'" 1 
ATOM   474 C "C4'" . DG  B 1 12 ? -5.463  -4.715  19.079  1.00 10.00 ? 24 DG  B "C4'" 1 
ATOM   475 O "O4'" . DG  B 1 12 ? -5.006  -3.689  18.228  1.00 10.00 ? 24 DG  B "O4'" 1 
ATOM   476 C "C3'" . DG  B 1 12 ? -5.728  -3.991  20.387  1.00 10.00 ? 24 DG  B "C3'" 1 
ATOM   477 O "O3'" . DG  B 1 12 ? -5.808  -4.856  21.522  1.00 10.00 ? 24 DG  B "O3'" 1 
ATOM   478 C "C2'" . DG  B 1 12 ? -4.518  -3.072  20.453  1.00 10.00 ? 24 DG  B "C2'" 1 
ATOM   479 C "C1'" . DG  B 1 12 ? -4.252  -2.720  18.995  1.00 10.00 ? 24 DG  B "C1'" 1 
ATOM   480 N N9    . DG  B 1 12 ? -4.729  -1.355  18.697  1.00 10.00 ? 24 DG  B N9    1 
ATOM   481 C C8    . DG  B 1 12 ? -6.038  -0.954  18.570  1.00 10.00 ? 24 DG  B C8    1 
ATOM   482 N N7    . DG  B 1 12 ? -6.183  0.321   18.311  1.00 10.00 ? 24 DG  B N7    1 
ATOM   483 C C5    . DG  B 1 12 ? -4.863  0.796   18.271  1.00 10.00 ? 24 DG  B C5    1 
ATOM   484 C C6    . DG  B 1 12 ? -4.358  2.086   18.007  1.00 10.00 ? 24 DG  B C6    1 
ATOM   485 O O6    . DG  B 1 12 ? -5.015  3.100   17.762  1.00 10.00 ? 24 DG  B O6    1 
ATOM   486 N N1    . DG  B 1 12 ? -2.980  2.181   18.028  1.00 10.00 ? 24 DG  B N1    1 
ATOM   487 C C2    . DG  B 1 12 ? -2.213  1.082   18.274  1.00 10.00 ? 24 DG  B C2    1 
ATOM   488 N N2    . DG  B 1 12 ? -0.900  1.302   18.274  1.00 10.00 ? 24 DG  B N2    1 
ATOM   489 N N3    . DG  B 1 12 ? -2.637  -0.162  18.526  1.00 10.00 ? 24 DG  B N3    1 
ATOM   490 C C4    . DG  B 1 12 ? -3.980  -0.227  18.500  1.00 10.00 ? 24 DG  B C4    1 
HETATM 491 O O     . HOH C 2 .  ? -1.121  10.819  18.882  1.00 10.00 ? 27 HOH A O     1 
HETATM 492 O O     . HOH C 2 .  ? 9.260   0.146   12.012  1.00 10.00 ? 28 HOH A O     1 
HETATM 493 O O     . HOH C 2 .  ? -0.459  4.472   -4.150  1.00 10.00 ? 29 HOH A O     1 
HETATM 494 O O     . HOH C 2 .  ? 7.233   8.179   -10.650 1.00 10.00 ? 31 HOH A O     1 
HETATM 495 O O     . HOH C 2 .  ? -8.746  3.195   -9.033  1.00 10.00 ? 32 HOH A O     1 
HETATM 496 O O     . HOH C 2 .  ? 3.189   0.359   8.196   1.00 10.00 ? 36 HOH A O     1 
HETATM 497 O O     . HOH C 2 .  ? 11.340  3.163   -16.912 1.00 10.00 ? 37 HOH A O     1 
HETATM 498 O O     . HOH C 2 .  ? 1.440   5.486   -5.483  1.00 10.00 ? 42 HOH A O     1 
HETATM 499 O O     . HOH C 2 .  ? 4.609   -4.520  6.364   1.00 10.00 ? 44 HOH A O     1 
HETATM 500 O O     . HOH C 2 .  ? 9.420   -3.447  11.434  1.00 10.00 ? 45 HOH A O     1 
HETATM 501 O O     . HOH C 2 .  ? 9.812   7.650   -9.732  1.00 10.00 ? 47 HOH A O     1 
HETATM 502 O O     . HOH C 2 .  ? 2.944   -0.318  5.547   1.00 10.00 ? 49 HOH A O     1 
HETATM 503 O O     . HOH C 2 .  ? 3.746   7.398   12.793  1.00 10.00 ? 51 HOH A O     1 
HETATM 504 O O     . HOH C 2 .  ? 3.623   4.970   10.579  1.00 10.00 ? 54 HOH A O     1 
HETATM 505 O O     . HOH C 2 .  ? -4.441  10.506  19.788  1.00 10.00 ? 56 HOH A O     1 
HETATM 506 O O     . HOH C 2 .  ? -4.086  -0.313  -13.940 1.00 10.00 ? 59 HOH A O     1 
HETATM 507 O O     . HOH C 2 .  ? 7.618   -4.400  6.120   1.00 10.00 ? 63 HOH A O     1 
HETATM 508 O O     . HOH C 2 .  ? 5.013   2.226   -10.078 1.00 10.00 ? 66 HOH A O     1 
HETATM 509 O O     . HOH C 2 .  ? -10.409 -0.782  -8.027  1.00 10.00 ? 67 HOH A O     1 
HETATM 510 O O     . HOH C 2 .  ? -2.479  7.385   -3.853  1.00 10.00 ? 68 HOH A O     1 
HETATM 511 O O     . HOH C 2 .  ? -0.412  -6.006  1.535   1.00 10.00 ? 69 HOH A O     1 
HETATM 512 O O     . HOH C 2 .  ? 6.066   -5.467  4.073   1.00 10.00 ? 71 HOH A O     1 
HETATM 513 O O     . HOH C 2 .  ? 7.833   10.184  -8.150  1.00 10.00 ? 73 HOH A O     1 
HETATM 514 O O     . HOH C 2 .  ? 7.503   -7.335  6.629   1.00 10.00 ? 75 HOH A O     1 
HETATM 515 O O     . HOH C 2 .  ? 10.778  7.092   -13.761 1.00 10.00 ? 79 HOH A O     1 
HETATM 516 O O     . HOH C 2 .  ? -3.462  5.062   -2.774  1.00 10.00 ? 80 HOH A O     1 
HETATM 517 O O     . HOH C 2 .  ? 4.013   10.484  -9.172  1.00 10.00 ? 81 HOH A O     1 
HETATM 518 O O     . HOH C 2 .  ? 4.254   3.161   -20.177 1.00 10.00 ? 84 HOH A O     1 
HETATM 519 O O     . HOH C 2 .  ? 10.476  -2.879  3.039   1.00 10.00 ? 85 HOH A O     1 
HETATM 520 O O     . HOH C 2 .  ? -6.548  8.449   20.911  1.00 10.00 ? 86 HOH A O     1 
HETATM 521 O O     . HOH D 2 .  ? 11.160  -12.473 -18.898 1.00 10.00 ? 25 HOH B O     1 
HETATM 522 O O     . HOH D 2 .  ? -5.823  0.906   2.419   1.00 10.00 ? 26 HOH B O     1 
HETATM 523 O O     . HOH D 2 .  ? 4.625   -12.537 -13.753 1.00 10.00 ? 30 HOH B O     1 
HETATM 524 O O     . HOH D 2 .  ? 2.054   -9.376  -7.688  1.00 10.00 ? 33 HOH B O     1 
HETATM 525 O O     . HOH D 2 .  ? -7.798  2.352   18.172  1.00 10.00 ? 34 HOH B O     1 
HETATM 526 O O     . HOH D 2 .  ? -5.443  8.432   6.663   1.00 10.00 ? 35 HOH B O     1 
HETATM 527 O O     . HOH D 2 .  ? -6.481  -7.775  21.750  1.00 10.00 ? 38 HOH B O     1 
HETATM 528 O O     . HOH D 2 .  ? -11.762 1.576   15.839  1.00 10.00 ? 39 HOH B O     1 
HETATM 529 O O     . HOH D 2 .  ? -1.521  -6.077  -5.868  1.00 10.00 ? 40 HOH B O     1 
HETATM 530 O O     . HOH D 2 .  ? -4.728  9.501   4.473   1.00 10.00 ? 41 HOH B O     1 
HETATM 531 O O     . HOH D 2 .  ? 12.872  3.018   -4.697  1.00 10.00 ? 43 HOH B O     1 
HETATM 532 O O     . HOH D 2 .  ? 3.921   -1.608  3.159   1.00 10.00 ? 46 HOH B O     1 
HETATM 533 O O     . HOH D 2 .  ? -13.614 1.248   17.818  1.00 10.00 ? 48 HOH B O     1 
HETATM 534 O O     . HOH D 2 .  ? -5.498  -8.621  -21.169 1.00 10.00 ? 50 HOH B O     1 
HETATM 535 O O     . HOH D 2 .  ? -8.661  6.025   15.856  1.00 10.00 ? 52 HOH B O     1 
HETATM 536 O O     . HOH D 2 .  ? -2.045  -4.859  -8.614  1.00 10.00 ? 53 HOH B O     1 
HETATM 537 O O     . HOH D 2 .  ? -7.137  8.475   -1.677  1.00 10.00 ? 55 HOH B O     1 
HETATM 538 O O     . HOH D 2 .  ? 14.133  -3.400  -3.533  1.00 10.00 ? 57 HOH B O     1 
HETATM 539 O O     . HOH D 2 .  ? -1.945  -6.087  -11.281 1.00 10.00 ? 58 HOH B O     1 
HETATM 540 O O     . HOH D 2 .  ? -10.454 6.549   13.796  1.00 10.00 ? 60 HOH B O     1 
HETATM 541 O O     . HOH D 2 .  ? -4.981  10.169  -1.750  1.00 10.00 ? 61 HOH B O     1 
HETATM 542 O O     . HOH D 2 .  ? -5.997  -4.500  -22.199 1.00 10.00 ? 62 HOH B O     1 
HETATM 543 O O     . HOH D 2 .  ? 0.506   8.910   5.014   1.00 10.00 ? 64 HOH B O     1 
HETATM 544 O O     . HOH D 2 .  ? -14.387 0.571   8.904   1.00 10.00 ? 65 HOH B O     1 
HETATM 545 O O     . HOH D 2 .  ? 9.882   -1.578  0.153   1.00 10.00 ? 70 HOH B O     1 
HETATM 546 O O     . HOH D 2 .  ? -8.095  5.310   13.362  1.00 10.00 ? 72 HOH B O     1 
HETATM 547 O O     . HOH D 2 .  ? -2.808  -11.367 -13.355 1.00 10.00 ? 74 HOH B O     1 
HETATM 548 O O     . HOH D 2 .  ? 10.552  -8.498  -4.947  1.00 10.00 ? 76 HOH B O     1 
HETATM 549 O O     . HOH D 2 .  ? -6.133  -3.453  8.003   1.00 10.00 ? 77 HOH B O     1 
HETATM 550 O O     . HOH D 2 .  ? -7.176  -0.781  8.068   1.00 10.00 ? 78 HOH B O     1 
HETATM 551 O O     . HOH D 2 .  ? -2.027  -9.746  -22.835 1.00 10.00 ? 82 HOH B O     1 
HETATM 552 O O     . HOH D 2 .  ? -2.530  -4.766  -14.056 1.00 10.00 ? 83 HOH B O     1 
# 
